data_7C38
#
_entry.id   7C38
#
_cell.length_a   50.424
_cell.length_b   66.938
_cell.length_c   209.744
_cell.angle_alpha   90.000
_cell.angle_beta   90.000
_cell.angle_gamma   90.000
#
_symmetry.space_group_name_H-M   'P 21 21 21'
#
loop_
_entity.id
_entity.type
_entity.pdbx_description
1 polymer AofleA
2 non-polymer alpha-L-fucopyranose
3 non-polymer beta-L-fucopyranose
4 non-polymer GLYCEROL
5 water water
#
_entity_poly.entity_id   1
_entity_poly.type   'polypeptide(L)'
_entity_poly.pdbx_seq_one_letter_code
;MAPVEFPKSLRASSHSSEGGTTKEEDIYGYELLYRSAFASYIAPTGAWNLVWFQAADGSIKQARWYGEWVISTVLAPGKA
LQGTPLTALLWGPQDTVRLYYLSPQFELQEWCWDTKNGADNKYDGALNAAKVKVAPYSKLGAVSFGGANLRVYYQGTNNK
LEEYTFGGGQGWKKGATLPGDPLPGTYISFVNRNKWDANPPSIRGYFQTVTGSLAEQVWETGGWRIGQFVIPAAPFLTPI
SATVSPEKDFPKIHVYWLSVESTIIESVNWHGWKAPKQIDNISVVKADISATSFTRDDGTVDVRIYGTAQLNVLFERIFR
YGVWEEKIHSISVGKEIPIEVVGVAAALEHHHHHH
;
_entity_poly.pdbx_strand_id   A,B
#
# COMPACT_ATOMS: atom_id res chain seq x y z
N PRO A 3 -7.64 12.26 -17.81
CA PRO A 3 -7.17 10.89 -17.73
C PRO A 3 -6.23 10.73 -16.56
N VAL A 4 -5.83 9.50 -16.26
CA VAL A 4 -4.70 9.27 -15.36
C VAL A 4 -3.45 9.09 -16.18
N GLU A 5 -2.32 9.49 -15.60
CA GLU A 5 -1.02 9.38 -16.24
C GLU A 5 -0.34 8.07 -15.85
N PHE A 6 0.34 7.46 -16.82
CA PHE A 6 1.05 6.21 -16.63
C PHE A 6 2.37 6.32 -17.39
N PRO A 7 3.44 5.67 -16.92
CA PRO A 7 4.72 5.81 -17.65
C PRO A 7 4.59 5.30 -19.08
N LYS A 8 5.00 6.15 -20.03
CA LYS A 8 4.78 5.82 -21.43
CA LYS A 8 4.83 5.86 -21.45
C LYS A 8 5.57 4.60 -21.88
N SER A 9 6.66 4.26 -21.20
CA SER A 9 7.47 3.11 -21.56
C SER A 9 6.89 1.78 -21.09
N LEU A 10 5.82 1.81 -20.29
CA LEU A 10 5.24 0.61 -19.72
C LEU A 10 3.87 0.36 -20.35
N ARG A 11 3.51 -0.93 -20.48
CA ARG A 11 2.19 -1.33 -20.96
C ARG A 11 1.30 -1.61 -19.76
N ALA A 12 0.13 -0.95 -19.72
CA ALA A 12 -0.81 -1.12 -18.62
C ALA A 12 -1.73 -2.33 -18.81
N SER A 13 -1.89 -2.82 -20.03
CA SER A 13 -2.85 -3.88 -20.30
C SER A 13 -2.43 -4.60 -21.57
N SER A 14 -3.10 -5.72 -21.86
CA SER A 14 -2.85 -6.47 -23.08
CA SER A 14 -2.81 -6.45 -23.07
C SER A 14 -3.25 -5.70 -24.33
N HIS A 15 -4.13 -4.71 -24.19
CA HIS A 15 -4.51 -3.88 -25.33
C HIS A 15 -3.71 -2.59 -25.41
N SER A 16 -2.72 -2.40 -24.55
CA SER A 16 -1.83 -1.25 -24.70
C SER A 16 -1.09 -1.34 -26.02
N SER A 17 -0.64 -0.18 -26.49
CA SER A 17 0.14 -0.12 -27.73
CA SER A 17 0.15 -0.09 -27.72
CA SER A 17 0.14 -0.12 -27.73
C SER A 17 1.37 -1.00 -27.61
N GLU A 18 1.91 -1.36 -28.77
CA GLU A 18 3.03 -2.32 -28.81
CA GLU A 18 3.03 -2.32 -28.81
C GLU A 18 4.22 -1.83 -27.98
N GLY A 19 4.50 -0.54 -28.04
CA GLY A 19 5.69 0.00 -27.39
C GLY A 19 5.50 0.61 -26.02
N GLY A 20 4.33 0.45 -25.42
CA GLY A 20 4.03 1.10 -24.16
C GLY A 20 2.59 1.54 -24.14
N THR A 21 2.26 2.43 -23.24
CA THR A 21 0.92 2.99 -23.13
C THR A 21 0.87 4.32 -23.85
N THR A 22 -0.16 4.48 -24.71
CA THR A 22 -0.36 5.73 -25.43
C THR A 22 -1.64 6.39 -24.92
N LYS A 23 -2.79 5.91 -25.36
CA LYS A 23 -4.07 6.28 -24.76
C LYS A 23 -4.97 5.06 -24.81
N GLU A 24 -5.60 4.75 -23.68
CA GLU A 24 -6.43 3.56 -23.58
C GLU A 24 -7.38 3.75 -22.41
N GLU A 25 -8.32 2.81 -22.26
CA GLU A 25 -9.21 2.77 -21.11
C GLU A 25 -8.80 1.59 -20.22
N ASP A 26 -8.77 1.82 -18.91
CA ASP A 26 -8.56 0.77 -17.93
C ASP A 26 -9.60 0.87 -16.83
N ILE A 27 -9.67 -0.15 -15.99
CA ILE A 27 -10.76 -0.30 -15.03
C ILE A 27 -10.25 -0.17 -13.60
N TYR A 28 -11.04 0.50 -12.76
CA TYR A 28 -10.83 0.60 -11.32
C TYR A 28 -11.98 -0.12 -10.63
N GLY A 29 -11.68 -1.28 -10.05
CA GLY A 29 -12.61 -1.97 -9.18
C GLY A 29 -12.41 -1.49 -7.76
N TYR A 30 -13.24 -0.53 -7.33
CA TYR A 30 -12.97 0.14 -6.06
C TYR A 30 -13.46 -0.62 -4.85
N GLU A 31 -14.15 -1.76 -5.02
CA GLU A 31 -14.51 -2.61 -3.90
C GLU A 31 -13.50 -3.72 -3.65
N LEU A 32 -12.43 -3.77 -4.42
CA LEU A 32 -11.26 -4.58 -4.11
C LEU A 32 -10.30 -3.70 -3.33
N LEU A 33 -9.83 -4.17 -2.17
CA LEU A 33 -8.83 -3.37 -1.44
C LEU A 33 -7.68 -3.04 -2.38
N TYR A 34 -7.25 -1.78 -2.40
CA TYR A 34 -6.12 -1.45 -3.26
C TYR A 34 -4.89 -2.22 -2.81
N ARG A 35 -4.28 -2.96 -3.74
CA ARG A 35 -3.13 -3.82 -3.46
CA ARG A 35 -3.12 -3.80 -3.43
C ARG A 35 -3.49 -4.94 -2.47
N SER A 36 -4.67 -5.53 -2.66
CA SER A 36 -5.10 -6.67 -1.86
C SER A 36 -4.06 -7.78 -1.88
N ALA A 37 -3.97 -8.50 -0.76
CA ALA A 37 -3.33 -9.80 -0.79
C ALA A 37 -4.18 -10.78 -1.59
N PHE A 38 -3.52 -11.82 -2.09
CA PHE A 38 -4.20 -12.89 -2.81
C PHE A 38 -3.66 -14.23 -2.36
N ALA A 39 -4.58 -15.18 -2.19
CA ALA A 39 -4.27 -16.60 -2.06
C ALA A 39 -5.08 -17.33 -3.12
N SER A 40 -4.66 -18.55 -3.45
CA SER A 40 -5.34 -19.27 -4.53
C SER A 40 -5.03 -20.74 -4.46
N TYR A 41 -5.89 -21.54 -5.08
CA TYR A 41 -5.61 -22.95 -5.28
C TYR A 41 -6.50 -23.43 -6.40
N ILE A 42 -5.90 -23.95 -7.46
CA ILE A 42 -6.66 -24.65 -8.50
C ILE A 42 -6.77 -26.11 -8.11
N ALA A 43 -7.91 -26.73 -8.40
CA ALA A 43 -8.04 -28.14 -8.10
C ALA A 43 -6.96 -28.91 -8.84
N PRO A 44 -6.39 -29.95 -8.25
CA PRO A 44 -5.36 -30.72 -8.96
C PRO A 44 -5.87 -31.39 -10.23
N THR A 45 -7.19 -31.54 -10.39
CA THR A 45 -7.75 -32.00 -11.65
C THR A 45 -7.96 -30.88 -12.66
N GLY A 46 -7.79 -29.62 -12.23
CA GLY A 46 -8.10 -28.49 -13.08
C GLY A 46 -9.56 -28.14 -13.22
N ALA A 47 -10.46 -28.82 -12.48
CA ALA A 47 -11.89 -28.67 -12.74
C ALA A 47 -12.46 -27.35 -12.23
N TRP A 48 -11.87 -26.78 -11.19
CA TRP A 48 -12.37 -25.56 -10.59
C TRP A 48 -11.21 -24.83 -9.94
N ASN A 49 -11.44 -23.57 -9.58
CA ASN A 49 -10.41 -22.69 -9.06
C ASN A 49 -10.95 -21.94 -7.85
N LEU A 50 -10.07 -21.69 -6.89
CA LEU A 50 -10.37 -20.85 -5.74
C LEU A 50 -9.34 -19.73 -5.64
N VAL A 51 -9.83 -18.51 -5.38
CA VAL A 51 -9.00 -17.34 -5.13
C VAL A 51 -9.61 -16.62 -3.94
N TRP A 52 -8.76 -16.12 -3.04
CA TRP A 52 -9.20 -15.31 -1.92
C TRP A 52 -8.52 -13.95 -1.95
N PHE A 53 -9.24 -12.94 -1.48
CA PHE A 53 -8.78 -11.56 -1.56
C PHE A 53 -9.49 -10.76 -0.47
N GLN A 54 -9.03 -9.53 -0.28
CA GLN A 54 -9.62 -8.63 0.69
C GLN A 54 -10.40 -7.54 -0.03
N ALA A 55 -11.66 -7.35 0.38
CA ALA A 55 -12.47 -6.28 -0.15
C ALA A 55 -12.11 -4.96 0.51
N ALA A 56 -12.59 -3.87 -0.07
CA ALA A 56 -12.27 -2.55 0.47
C ALA A 56 -12.72 -2.40 1.91
N ASP A 57 -13.84 -3.03 2.28
CA ASP A 57 -14.36 -2.96 3.65
C ASP A 57 -13.62 -3.86 4.63
N GLY A 58 -12.57 -4.56 4.17
CA GLY A 58 -11.80 -5.43 5.04
C GLY A 58 -12.27 -6.85 5.12
N SER A 59 -13.45 -7.16 4.59
CA SER A 59 -13.89 -8.56 4.55
C SER A 59 -12.98 -9.36 3.65
N ILE A 60 -12.92 -10.66 3.90
CA ILE A 60 -12.20 -11.58 3.04
C ILE A 60 -13.24 -12.31 2.19
N LYS A 61 -13.01 -12.31 0.89
CA LYS A 61 -13.93 -12.88 -0.07
C LYS A 61 -13.23 -13.96 -0.89
N GLN A 62 -14.06 -14.75 -1.56
CA GLN A 62 -13.63 -15.87 -2.37
C GLN A 62 -14.20 -15.71 -3.77
N ALA A 63 -13.37 -15.98 -4.77
CA ALA A 63 -13.82 -16.14 -6.15
C ALA A 63 -13.62 -17.61 -6.50
N ARG A 64 -14.69 -18.29 -6.89
CA ARG A 64 -14.61 -19.70 -7.26
C ARG A 64 -15.02 -19.84 -8.72
N TRP A 65 -14.16 -20.46 -9.53
CA TRP A 65 -14.46 -20.70 -10.92
C TRP A 65 -14.94 -22.11 -11.13
N TYR A 66 -16.10 -22.25 -11.77
CA TYR A 66 -16.55 -23.53 -12.29
C TYR A 66 -17.47 -23.15 -13.45
N GLY A 67 -16.90 -23.12 -14.65
CA GLY A 67 -17.59 -22.55 -15.81
C GLY A 67 -17.56 -21.03 -15.82
N GLU A 68 -17.90 -20.42 -14.69
CA GLU A 68 -17.90 -18.99 -14.48
CA GLU A 68 -17.82 -18.99 -14.51
C GLU A 68 -17.40 -18.71 -13.08
N TRP A 69 -17.02 -17.46 -12.82
CA TRP A 69 -16.60 -17.05 -11.48
C TRP A 69 -17.80 -16.69 -10.62
N VAL A 70 -17.79 -17.13 -9.37
CA VAL A 70 -18.80 -16.79 -8.36
C VAL A 70 -18.08 -16.18 -7.16
N ILE A 71 -18.57 -15.04 -6.71
CA ILE A 71 -17.99 -14.32 -5.57
C ILE A 71 -18.80 -14.61 -4.32
N SER A 72 -18.13 -14.85 -3.21
CA SER A 72 -18.81 -15.05 -1.94
CA SER A 72 -18.77 -15.13 -1.93
C SER A 72 -17.93 -14.50 -0.84
N THR A 73 -18.54 -14.09 0.26
CA THR A 73 -17.77 -13.59 1.39
C THR A 73 -17.52 -14.73 2.37
N VAL A 74 -16.27 -14.83 2.85
CA VAL A 74 -15.91 -15.86 3.81
C VAL A 74 -15.61 -15.34 5.21
N LEU A 75 -15.13 -14.10 5.35
CA LEU A 75 -14.84 -13.51 6.65
C LEU A 75 -15.38 -12.10 6.68
N ALA A 76 -16.20 -11.79 7.68
CA ALA A 76 -16.82 -10.49 7.80
C ALA A 76 -15.79 -9.41 8.15
N PRO A 77 -16.13 -8.14 7.90
CA PRO A 77 -15.25 -7.06 8.38
C PRO A 77 -14.97 -7.22 9.86
N GLY A 78 -13.74 -6.91 10.26
CA GLY A 78 -13.31 -7.03 11.63
C GLY A 78 -12.53 -8.30 11.94
N LYS A 79 -12.64 -9.32 11.11
CA LYS A 79 -11.86 -10.54 11.35
C LYS A 79 -10.39 -10.32 11.02
N ALA A 80 -10.10 -9.61 9.94
CA ALA A 80 -8.76 -9.53 9.39
C ALA A 80 -8.20 -8.12 9.49
N LEU A 81 -6.90 -8.05 9.75
CA LEU A 81 -6.14 -6.81 9.60
C LEU A 81 -6.45 -6.18 8.24
N GLN A 82 -6.57 -4.85 8.22
CA GLN A 82 -6.67 -4.16 6.94
C GLN A 82 -5.32 -4.25 6.24
N GLY A 83 -5.29 -4.92 5.09
CA GLY A 83 -4.03 -5.25 4.44
C GLY A 83 -3.43 -6.57 4.88
N THR A 84 -4.23 -7.48 5.42
CA THR A 84 -3.70 -8.77 5.86
C THR A 84 -3.03 -9.52 4.72
N PRO A 85 -1.98 -10.29 5.01
CA PRO A 85 -1.53 -11.31 4.06
C PRO A 85 -2.52 -12.47 4.06
N LEU A 86 -2.44 -13.30 3.01
CA LEU A 86 -3.30 -14.47 2.86
C LEU A 86 -2.49 -15.61 2.26
N THR A 87 -2.75 -16.83 2.72
CA THR A 87 -2.18 -18.02 2.07
C THR A 87 -3.10 -19.20 2.33
N ALA A 88 -3.16 -20.14 1.38
CA ALA A 88 -4.17 -21.21 1.43
C ALA A 88 -3.57 -22.59 1.29
N LEU A 89 -4.27 -23.57 1.85
CA LEU A 89 -4.00 -24.99 1.70
C LEU A 89 -5.24 -25.68 1.16
N LEU A 90 -5.01 -26.74 0.37
CA LEU A 90 -6.06 -27.57 -0.18
C LEU A 90 -5.56 -29.00 -0.19
N TRP A 91 -6.32 -29.93 0.39
CA TRP A 91 -5.93 -31.33 0.34
C TRP A 91 -7.18 -32.20 0.39
N GLY A 92 -6.97 -33.52 0.29
CA GLY A 92 -8.02 -34.47 0.51
C GLY A 92 -8.38 -35.51 -0.55
N PRO A 93 -7.97 -35.37 -1.83
CA PRO A 93 -7.08 -34.42 -2.50
C PRO A 93 -7.60 -33.00 -2.62
N GLN A 94 -8.92 -32.78 -2.59
CA GLN A 94 -9.41 -31.45 -2.94
C GLN A 94 -10.74 -31.16 -2.27
N ASP A 95 -10.89 -31.56 -1.01
CA ASP A 95 -12.13 -31.34 -0.28
C ASP A 95 -11.95 -30.60 1.05
N THR A 96 -10.73 -30.19 1.39
CA THR A 96 -10.44 -29.59 2.68
C THR A 96 -9.57 -28.37 2.42
N VAL A 97 -10.03 -27.20 2.88
CA VAL A 97 -9.36 -25.93 2.61
C VAL A 97 -9.05 -25.23 3.92
N ARG A 98 -7.85 -24.64 4.00
CA ARG A 98 -7.51 -23.75 5.10
C ARG A 98 -6.98 -22.44 4.51
N LEU A 99 -7.38 -21.33 5.12
CA LEU A 99 -6.90 -20.02 4.73
C LEU A 99 -6.33 -19.34 5.97
N TYR A 100 -5.08 -18.88 5.87
CA TYR A 100 -4.39 -18.22 6.96
C TYR A 100 -4.33 -16.72 6.68
N TYR A 101 -4.51 -15.94 7.74
CA TYR A 101 -4.56 -14.48 7.67
C TYR A 101 -4.15 -13.95 9.03
N LEU A 102 -4.07 -12.62 9.16
CA LEU A 102 -3.75 -12.00 10.43
C LEU A 102 -4.96 -11.26 10.98
N SER A 103 -5.14 -11.34 12.29
CA SER A 103 -6.14 -10.52 12.97
C SER A 103 -5.66 -9.07 13.01
N PRO A 104 -6.56 -8.14 13.37
CA PRO A 104 -6.11 -6.74 13.50
C PRO A 104 -5.09 -6.53 14.61
N GLN A 105 -4.88 -7.52 15.47
CA GLN A 105 -3.84 -7.52 16.50
C GLN A 105 -2.61 -8.33 16.10
N PHE A 106 -2.46 -8.64 14.81
CA PHE A 106 -1.25 -9.26 14.28
C PHE A 106 -1.03 -10.67 14.83
N GLU A 107 -2.11 -11.42 15.02
CA GLU A 107 -2.03 -12.83 15.41
C GLU A 107 -2.44 -13.72 14.25
N LEU A 108 -1.76 -14.85 14.13
CA LEU A 108 -2.13 -15.85 13.13
C LEU A 108 -3.57 -16.28 13.33
N GLN A 109 -4.33 -16.34 12.24
CA GLN A 109 -5.69 -16.84 12.24
C GLN A 109 -5.86 -17.86 11.13
N GLU A 110 -6.85 -18.73 11.28
CA GLU A 110 -7.12 -19.82 10.36
C GLU A 110 -8.62 -19.91 10.11
N TRP A 111 -9.01 -19.90 8.85
CA TRP A 111 -10.37 -20.18 8.42
C TRP A 111 -10.38 -21.57 7.80
N CYS A 112 -11.39 -22.37 8.18
CA CYS A 112 -11.49 -23.76 7.77
C CYS A 112 -12.76 -23.97 6.95
N TRP A 113 -12.62 -24.72 5.87
CA TRP A 113 -13.75 -25.12 5.04
C TRP A 113 -13.62 -26.61 4.79
N ASP A 114 -14.52 -27.40 5.37
CA ASP A 114 -14.52 -28.86 5.25
C ASP A 114 -15.69 -29.27 4.39
N THR A 115 -15.41 -30.01 3.31
CA THR A 115 -16.46 -30.55 2.46
C THR A 115 -16.42 -32.05 2.29
N LYS A 116 -15.52 -32.74 2.99
CA LYS A 116 -15.53 -34.20 2.94
C LYS A 116 -16.88 -34.73 3.44
N ASN A 117 -17.31 -35.85 2.86
CA ASN A 117 -18.58 -36.49 3.22
C ASN A 117 -19.80 -35.63 2.88
N GLY A 118 -19.69 -34.77 1.88
CA GLY A 118 -20.80 -33.91 1.53
C GLY A 118 -21.08 -32.78 2.48
N ALA A 119 -20.20 -32.55 3.46
CA ALA A 119 -20.38 -31.47 4.41
C ALA A 119 -20.11 -30.12 3.73
N ASP A 120 -20.50 -29.04 4.42
CA ASP A 120 -20.20 -27.68 3.99
C ASP A 120 -20.01 -26.85 5.27
N ASN A 121 -18.92 -27.13 5.99
CA ASN A 121 -18.68 -26.53 7.29
C ASN A 121 -17.58 -25.48 7.17
N LYS A 122 -17.88 -24.27 7.59
CA LYS A 122 -16.92 -23.17 7.65
CA LYS A 122 -16.91 -23.18 7.65
C LYS A 122 -16.82 -22.72 9.09
N TYR A 123 -15.59 -22.58 9.60
CA TYR A 123 -15.42 -22.28 11.01
C TYR A 123 -14.00 -21.76 11.26
N ASP A 124 -13.83 -21.14 12.42
CA ASP A 124 -12.51 -20.69 12.85
C ASP A 124 -11.69 -21.89 13.32
N GLY A 125 -10.43 -21.95 12.89
CA GLY A 125 -9.58 -23.05 13.24
C GLY A 125 -8.95 -22.92 14.61
N ALA A 126 -8.38 -24.04 15.07
CA ALA A 126 -7.74 -24.10 16.38
C ALA A 126 -6.50 -23.22 16.46
N LEU A 127 -5.91 -22.83 15.33
CA LEU A 127 -4.74 -21.96 15.39
C LEU A 127 -5.03 -20.66 16.12
N ASN A 128 -6.25 -20.13 15.98
CA ASN A 128 -6.57 -18.84 16.59
C ASN A 128 -6.28 -18.84 18.08
N ALA A 129 -6.58 -19.95 18.75
CA ALA A 129 -6.43 -20.03 20.20
C ALA A 129 -4.98 -20.03 20.66
N ALA A 130 -4.04 -20.31 19.75
CA ALA A 130 -2.62 -20.24 20.12
C ALA A 130 -2.13 -18.80 20.25
N LYS A 131 -2.87 -17.83 19.70
CA LYS A 131 -2.56 -16.41 19.85
CA LYS A 131 -2.56 -16.41 19.84
C LYS A 131 -1.12 -16.10 19.46
N VAL A 132 -0.73 -16.56 18.27
CA VAL A 132 0.65 -16.41 17.82
C VAL A 132 0.83 -15.02 17.24
N LYS A 133 1.56 -14.17 17.98
CA LYS A 133 1.85 -12.82 17.51
C LYS A 133 3.00 -12.86 16.52
N VAL A 134 2.87 -12.09 15.44
CA VAL A 134 3.88 -12.03 14.39
C VAL A 134 4.31 -10.59 14.21
N ALA A 135 5.41 -10.39 13.49
CA ALA A 135 5.78 -9.03 13.11
C ALA A 135 4.61 -8.39 12.37
N PRO A 136 4.34 -7.10 12.57
CA PRO A 136 3.10 -6.53 12.02
C PRO A 136 3.09 -6.49 10.50
N TYR A 137 4.26 -6.48 9.88
CA TYR A 137 4.42 -6.51 8.42
C TYR A 137 4.64 -7.93 7.89
N SER A 138 4.45 -8.96 8.71
CA SER A 138 4.70 -10.32 8.27
C SER A 138 3.79 -10.72 7.12
N LYS A 139 4.36 -11.45 6.16
CA LYS A 139 3.58 -12.21 5.20
C LYS A 139 3.40 -13.63 5.73
N LEU A 140 2.75 -14.49 4.94
CA LEU A 140 2.39 -15.83 5.38
C LEU A 140 2.60 -16.84 4.28
N GLY A 141 3.12 -18.02 4.65
CA GLY A 141 3.16 -19.16 3.77
C GLY A 141 2.67 -20.38 4.51
N ALA A 142 2.40 -21.46 3.77
CA ALA A 142 1.93 -22.67 4.42
C ALA A 142 2.05 -23.84 3.46
N VAL A 143 2.28 -25.04 4.03
CA VAL A 143 2.22 -26.29 3.28
C VAL A 143 1.45 -27.32 4.09
N SER A 144 1.02 -28.38 3.41
CA SER A 144 0.43 -29.55 4.04
C SER A 144 1.09 -30.82 3.49
N PHE A 145 1.10 -31.86 4.32
CA PHE A 145 1.63 -33.15 3.88
C PHE A 145 0.98 -34.26 4.70
N GLY A 146 1.08 -35.48 4.18
CA GLY A 146 0.49 -36.62 4.87
C GLY A 146 -0.95 -36.38 5.26
N GLY A 147 -1.71 -35.74 4.38
CA GLY A 147 -3.05 -35.28 4.75
C GLY A 147 -2.98 -34.03 5.60
N ALA A 148 -3.39 -34.16 6.87
CA ALA A 148 -3.58 -33.00 7.75
C ALA A 148 -2.38 -32.72 8.64
N ASN A 149 -1.15 -32.80 8.12
CA ASN A 149 0.01 -32.26 8.80
C ASN A 149 0.28 -30.91 8.16
N LEU A 150 0.18 -29.85 8.95
CA LEU A 150 0.18 -28.50 8.43
C LEU A 150 1.40 -27.76 8.96
N ARG A 151 1.93 -26.87 8.13
CA ARG A 151 3.03 -25.99 8.54
C ARG A 151 2.68 -24.58 8.09
N VAL A 152 2.76 -23.62 9.00
CA VAL A 152 2.49 -22.22 8.71
C VAL A 152 3.77 -21.43 8.96
N TYR A 153 4.12 -20.58 7.99
CA TYR A 153 5.37 -19.81 8.01
C TYR A 153 5.04 -18.32 8.09
N TYR A 154 5.79 -17.62 8.93
CA TYR A 154 5.56 -16.22 9.19
C TYR A 154 6.88 -15.60 9.61
N GLN A 155 6.85 -14.28 9.78
CA GLN A 155 8.03 -13.53 10.21
C GLN A 155 7.81 -13.08 11.64
N GLY A 156 8.74 -13.44 12.53
CA GLY A 156 8.68 -13.02 13.90
C GLY A 156 9.19 -11.61 14.09
N THR A 157 9.09 -11.13 15.32
CA THR A 157 9.43 -9.74 15.61
C THR A 157 10.91 -9.44 15.42
N ASN A 158 11.78 -10.43 15.51
CA ASN A 158 13.19 -10.23 15.21
C ASN A 158 13.52 -10.44 13.74
N ASN A 159 12.49 -10.57 12.89
CA ASN A 159 12.59 -10.66 11.44
C ASN A 159 13.01 -12.02 10.90
N LYS A 160 13.27 -13.00 11.76
CA LYS A 160 13.50 -14.36 11.29
CA LYS A 160 13.51 -14.34 11.27
C LYS A 160 12.20 -14.98 10.79
N LEU A 161 12.32 -15.89 9.83
CA LEU A 161 11.17 -16.69 9.46
C LEU A 161 11.00 -17.81 10.47
N GLU A 162 9.74 -18.07 10.81
CA GLU A 162 9.36 -19.01 11.86
C GLU A 162 8.28 -19.93 11.33
N GLU A 163 8.19 -21.10 11.96
CA GLU A 163 7.22 -22.13 11.59
C GLU A 163 6.35 -22.47 12.80
N TYR A 164 5.06 -22.69 12.53
CA TYR A 164 4.14 -23.30 13.48
C TYR A 164 3.66 -24.60 12.86
N THR A 165 3.48 -25.64 13.68
CA THR A 165 3.17 -26.98 13.17
C THR A 165 1.83 -27.48 13.72
N PHE A 166 1.17 -28.32 12.93
CA PHE A 166 -0.04 -29.03 13.35
C PHE A 166 0.08 -30.47 12.89
N GLY A 167 -0.19 -31.40 13.78
CA GLY A 167 -0.23 -32.80 13.41
C GLY A 167 0.11 -33.69 14.58
N GLY A 168 0.03 -34.99 14.33
CA GLY A 168 0.42 -35.99 15.31
C GLY A 168 -0.41 -36.02 16.57
N GLY A 169 -1.63 -35.46 16.54
CA GLY A 169 -2.42 -35.35 17.74
C GLY A 169 -1.93 -34.34 18.74
N GLN A 170 -0.94 -33.53 18.37
CA GLN A 170 -0.32 -32.56 19.27
C GLN A 170 -0.95 -31.19 19.17
N GLY A 171 -1.89 -30.99 18.24
CA GLY A 171 -2.38 -29.65 18.02
C GLY A 171 -1.31 -28.74 17.46
N TRP A 172 -1.55 -27.43 17.58
CA TRP A 172 -0.61 -26.43 17.09
C TRP A 172 0.51 -26.22 18.09
N LYS A 173 1.75 -26.26 17.60
CA LYS A 173 2.92 -26.07 18.44
C LYS A 173 3.96 -25.27 17.65
N LYS A 174 4.81 -24.56 18.36
CA LYS A 174 5.92 -23.88 17.70
C LYS A 174 6.83 -24.88 17.02
N GLY A 175 7.17 -24.61 15.77
CA GLY A 175 8.13 -25.39 15.00
C GLY A 175 9.47 -24.70 14.91
N ALA A 176 10.15 -24.91 13.79
CA ALA A 176 11.52 -24.45 13.61
C ALA A 176 11.60 -22.93 13.49
N THR A 177 12.77 -22.39 13.85
CA THR A 177 13.21 -21.08 13.41
C THR A 177 14.11 -21.30 12.20
N LEU A 178 13.80 -20.66 11.09
CA LEU A 178 14.49 -20.98 9.86
CA LEU A 178 14.47 -20.96 9.84
C LEU A 178 15.77 -20.18 9.72
N PRO A 179 16.73 -20.67 8.91
CA PRO A 179 18.00 -19.95 8.72
C PRO A 179 17.84 -18.71 7.84
N GLY A 180 18.93 -17.97 7.66
CA GLY A 180 18.93 -16.81 6.78
C GLY A 180 18.56 -15.52 7.48
N ASP A 181 18.60 -14.44 6.70
CA ASP A 181 18.50 -13.07 7.20
C ASP A 181 17.41 -12.36 6.39
N PRO A 182 16.14 -12.56 6.73
CA PRO A 182 15.05 -12.07 5.85
C PRO A 182 14.84 -10.58 5.96
N LEU A 183 14.51 -9.98 4.83
CA LEU A 183 14.13 -8.57 4.82
C LEU A 183 12.88 -8.39 5.67
N PRO A 184 12.83 -7.39 6.56
CA PRO A 184 11.59 -7.10 7.28
C PRO A 184 10.45 -6.85 6.29
N GLY A 185 9.37 -7.60 6.44
CA GLY A 185 8.23 -7.44 5.55
C GLY A 185 8.32 -8.19 4.25
N THR A 186 9.34 -9.04 4.07
CA THR A 186 9.48 -9.79 2.83
C THR A 186 8.21 -10.56 2.49
N TYR A 187 7.89 -10.59 1.21
CA TYR A 187 6.93 -11.57 0.74
C TYR A 187 7.54 -12.96 0.89
N ILE A 188 6.70 -13.95 1.13
CA ILE A 188 7.16 -15.32 1.30
C ILE A 188 6.20 -16.26 0.62
N SER A 189 6.74 -17.38 0.15
CA SER A 189 5.91 -18.38 -0.52
C SER A 189 6.55 -19.73 -0.30
N PHE A 190 5.81 -20.64 0.34
CA PHE A 190 6.29 -21.99 0.63
C PHE A 190 5.49 -23.02 -0.15
N VAL A 191 6.19 -24.04 -0.65
CA VAL A 191 5.61 -25.10 -1.45
C VAL A 191 6.12 -26.44 -0.95
N ASN A 192 5.35 -27.49 -1.24
CA ASN A 192 5.74 -28.86 -0.97
C ASN A 192 5.96 -29.52 -2.33
N ARG A 193 7.19 -30.00 -2.57
CA ARG A 193 7.50 -30.68 -3.81
C ARG A 193 6.92 -32.07 -3.87
N ASN A 194 6.52 -32.65 -2.74
CA ASN A 194 5.90 -33.96 -2.71
C ASN A 194 4.39 -33.82 -2.61
N LYS A 195 3.69 -34.92 -2.89
CA LYS A 195 2.25 -34.90 -3.03
C LYS A 195 1.57 -34.72 -1.66
N TRP A 196 0.30 -34.30 -1.71
CA TRP A 196 -0.42 -33.93 -0.49
C TRP A 196 -0.54 -35.09 0.49
N ASP A 197 -0.58 -36.33 -0.02
CA ASP A 197 -0.72 -37.52 0.81
C ASP A 197 0.58 -38.30 0.92
N ALA A 198 1.70 -37.68 0.55
CA ALA A 198 3.01 -38.25 0.78
C ALA A 198 3.57 -37.72 2.09
N ASN A 199 4.43 -38.52 2.70
CA ASN A 199 5.05 -38.19 3.97
C ASN A 199 6.34 -38.98 4.01
N PRO A 200 7.52 -38.33 4.09
CA PRO A 200 7.78 -36.91 4.39
C PRO A 200 7.56 -35.93 3.24
N PRO A 201 7.44 -34.64 3.58
CA PRO A 201 7.36 -33.60 2.56
C PRO A 201 8.77 -33.23 2.06
N SER A 202 8.81 -32.33 1.10
CA SER A 202 10.05 -31.75 0.54
C SER A 202 9.72 -30.28 0.38
N ILE A 203 10.15 -29.45 1.33
CA ILE A 203 9.61 -28.09 1.47
C ILE A 203 10.59 -27.08 0.90
N ARG A 204 10.08 -26.10 0.16
CA ARG A 204 10.87 -24.98 -0.30
C ARG A 204 10.12 -23.69 0.04
N GLY A 205 10.86 -22.68 0.49
CA GLY A 205 10.28 -21.37 0.75
C GLY A 205 11.13 -20.30 0.10
N TYR A 206 10.45 -19.35 -0.55
CA TYR A 206 11.13 -18.28 -1.28
C TYR A 206 10.87 -16.96 -0.58
N PHE A 207 11.91 -16.15 -0.43
CA PHE A 207 11.82 -14.91 0.33
C PHE A 207 12.92 -13.97 -0.14
N GLN A 208 12.85 -12.73 0.33
CA GLN A 208 13.84 -11.72 0.03
C GLN A 208 14.67 -11.45 1.29
N THR A 209 15.99 -11.29 1.13
CA THR A 209 16.88 -11.10 2.25
C THR A 209 17.16 -9.62 2.48
N VAL A 210 17.89 -9.34 3.57
CA VAL A 210 18.24 -7.97 3.92
C VAL A 210 19.13 -7.30 2.87
N THR A 211 19.74 -8.07 1.98
CA THR A 211 20.53 -7.45 0.93
C THR A 211 19.72 -7.13 -0.31
N GLY A 212 18.45 -7.55 -0.35
CA GLY A 212 17.64 -7.41 -1.55
C GLY A 212 17.62 -8.64 -2.43
N SER A 213 18.53 -9.58 -2.20
CA SER A 213 18.54 -10.82 -2.96
C SER A 213 17.31 -11.65 -2.64
N LEU A 214 16.97 -12.55 -3.56
CA LEU A 214 16.00 -13.59 -3.28
C LEU A 214 16.74 -14.86 -2.88
N ALA A 215 16.14 -15.60 -1.95
CA ALA A 215 16.76 -16.77 -1.34
C ALA A 215 15.71 -17.86 -1.16
N GLU A 216 16.18 -19.03 -0.75
CA GLU A 216 15.37 -20.23 -0.70
C GLU A 216 15.63 -20.99 0.60
N GLN A 217 14.55 -21.29 1.32
CA GLN A 217 14.56 -22.22 2.44
C GLN A 217 14.33 -23.63 1.91
N VAL A 218 15.08 -24.60 2.44
CA VAL A 218 14.97 -26.00 2.05
C VAL A 218 14.77 -26.84 3.30
N TRP A 219 13.71 -27.66 3.32
CA TRP A 219 13.60 -28.74 4.30
C TRP A 219 13.60 -30.08 3.59
N GLU A 220 14.49 -30.94 4.04
CA GLU A 220 14.44 -32.36 3.71
C GLU A 220 14.69 -33.09 5.02
N THR A 221 14.37 -34.39 5.07
CA THR A 221 14.69 -35.18 6.26
CA THR A 221 14.69 -35.18 6.26
C THR A 221 16.12 -34.85 6.67
N GLY A 222 16.28 -34.42 7.93
CA GLY A 222 17.56 -33.96 8.44
C GLY A 222 17.55 -32.51 8.90
N GLY A 223 16.74 -31.65 8.28
CA GLY A 223 16.53 -30.31 8.79
C GLY A 223 16.52 -29.24 7.72
N TRP A 224 16.53 -27.99 8.17
CA TRP A 224 16.44 -26.82 7.32
C TRP A 224 17.81 -26.33 6.89
N ARG A 225 17.88 -25.79 5.68
CA ARG A 225 19.11 -25.19 5.17
C ARG A 225 18.74 -24.16 4.12
N ILE A 226 19.70 -23.31 3.78
CA ILE A 226 19.52 -22.36 2.69
C ILE A 226 19.86 -23.04 1.37
N GLY A 227 18.96 -22.91 0.40
CA GLY A 227 19.09 -23.61 -0.87
C GLY A 227 19.95 -22.87 -1.88
N GLN A 228 20.05 -23.49 -3.06
CA GLN A 228 20.89 -22.99 -4.13
C GLN A 228 20.24 -21.89 -4.96
N PHE A 229 18.92 -21.71 -4.86
CA PHE A 229 18.25 -20.65 -5.61
C PHE A 229 18.66 -19.30 -5.05
N VAL A 230 19.31 -18.48 -5.86
CA VAL A 230 19.73 -17.13 -5.48
C VAL A 230 19.49 -16.21 -6.66
N ILE A 231 18.75 -15.13 -6.41
CA ILE A 231 18.64 -14.02 -7.34
C ILE A 231 19.36 -12.84 -6.69
N PRO A 232 20.50 -12.38 -7.22
CA PRO A 232 21.30 -11.43 -6.43
C PRO A 232 20.64 -10.09 -6.20
N ALA A 233 19.73 -9.68 -7.08
CA ALA A 233 19.07 -8.39 -6.93
C ALA A 233 17.63 -8.49 -7.39
N ALA A 234 16.73 -7.86 -6.64
CA ALA A 234 15.32 -7.80 -6.99
C ALA A 234 14.75 -6.51 -6.44
N PRO A 235 13.60 -6.06 -6.94
CA PRO A 235 13.01 -4.83 -6.41
C PRO A 235 12.74 -4.95 -4.92
N PHE A 236 12.82 -3.81 -4.23
CA PHE A 236 12.56 -3.76 -2.79
C PHE A 236 11.13 -4.21 -2.50
N LEU A 237 11.00 -5.17 -1.59
CA LEU A 237 9.69 -5.73 -1.22
C LEU A 237 8.94 -6.22 -2.47
N THR A 238 9.66 -6.93 -3.33
CA THR A 238 8.98 -7.50 -4.48
C THR A 238 8.00 -8.57 -4.05
N PRO A 239 6.80 -8.58 -4.63
CA PRO A 239 5.92 -9.75 -4.50
C PRO A 239 6.65 -11.01 -4.97
N ILE A 240 6.35 -12.13 -4.32
CA ILE A 240 6.91 -13.44 -4.63
C ILE A 240 5.79 -14.45 -4.49
N SER A 241 5.68 -15.38 -5.45
CA SER A 241 4.80 -16.53 -5.26
C SER A 241 5.36 -17.71 -6.04
N ALA A 242 5.29 -18.89 -5.43
CA ALA A 242 5.79 -20.10 -6.05
C ALA A 242 4.72 -21.18 -6.08
N THR A 243 4.83 -22.10 -7.04
CA THR A 243 3.90 -23.21 -7.13
C THR A 243 4.62 -24.39 -7.75
N VAL A 244 4.22 -25.60 -7.34
CA VAL A 244 4.83 -26.81 -7.86
CA VAL A 244 4.82 -26.86 -7.78
C VAL A 244 3.75 -27.80 -8.29
N SER A 245 4.01 -28.46 -9.41
CA SER A 245 3.23 -29.60 -9.86
CA SER A 245 3.23 -29.60 -9.86
C SER A 245 4.21 -30.56 -10.53
N PRO A 246 3.92 -31.85 -10.52
CA PRO A 246 4.84 -32.80 -11.15
C PRO A 246 4.76 -32.75 -12.67
N GLU A 247 5.91 -32.87 -13.32
CA GLU A 247 5.98 -33.05 -14.76
C GLU A 247 6.92 -34.20 -15.04
N LYS A 248 6.44 -35.20 -15.77
CA LYS A 248 7.22 -36.40 -16.05
C LYS A 248 7.85 -36.97 -14.78
N ASP A 249 7.03 -37.04 -13.72
CA ASP A 249 7.37 -37.67 -12.46
C ASP A 249 8.46 -36.94 -11.69
N PHE A 250 8.65 -35.65 -11.92
CA PHE A 250 9.61 -34.89 -11.16
C PHE A 250 9.00 -33.54 -10.84
N PRO A 251 9.18 -33.03 -9.61
CA PRO A 251 8.52 -31.78 -9.23
C PRO A 251 9.01 -30.60 -10.05
N LYS A 252 8.08 -29.84 -10.61
CA LYS A 252 8.40 -28.63 -11.37
C LYS A 252 8.05 -27.42 -10.51
N ILE A 253 9.07 -26.75 -9.97
CA ILE A 253 8.88 -25.55 -9.17
C ILE A 253 8.83 -24.35 -10.11
N HIS A 254 7.87 -23.47 -9.90
CA HIS A 254 7.78 -22.20 -10.61
C HIS A 254 7.85 -21.10 -9.56
N VAL A 255 8.81 -20.20 -9.68
CA VAL A 255 8.95 -19.07 -8.76
C VAL A 255 8.73 -17.79 -9.55
N TYR A 256 7.83 -16.93 -9.06
CA TYR A 256 7.46 -15.68 -9.72
C TYR A 256 7.77 -14.51 -8.80
N TRP A 257 8.32 -13.45 -9.39
CA TRP A 257 8.51 -12.17 -8.71
C TRP A 257 8.42 -11.07 -9.76
N LEU A 258 8.62 -9.83 -9.34
CA LEU A 258 8.46 -8.70 -10.24
C LEU A 258 9.79 -8.08 -10.61
N SER A 259 9.86 -7.60 -11.85
CA SER A 259 10.98 -6.79 -12.32
C SER A 259 10.79 -5.35 -11.85
N VAL A 260 11.81 -4.51 -12.13
CA VAL A 260 11.65 -3.09 -11.82
C VAL A 260 10.58 -2.42 -12.66
N GLU A 261 10.19 -3.03 -13.78
CA GLU A 261 9.06 -2.55 -14.56
C GLU A 261 7.74 -3.12 -14.06
N SER A 262 7.76 -3.84 -12.95
CA SER A 262 6.59 -4.53 -12.42
C SER A 262 5.98 -5.50 -13.44
N THR A 263 6.84 -6.12 -14.24
CA THR A 263 6.45 -7.27 -15.03
C THR A 263 6.84 -8.54 -14.29
N ILE A 264 6.15 -9.63 -14.58
CA ILE A 264 6.33 -10.86 -13.83
C ILE A 264 7.48 -11.68 -14.43
N ILE A 265 8.43 -12.05 -13.57
CA ILE A 265 9.57 -12.89 -13.93
CA ILE A 265 9.57 -12.89 -13.93
C ILE A 265 9.33 -14.28 -13.37
N GLU A 266 9.67 -15.31 -14.16
CA GLU A 266 9.52 -16.71 -13.77
C GLU A 266 10.86 -17.40 -13.80
N SER A 267 11.15 -18.20 -12.78
CA SER A 267 12.26 -19.15 -12.77
CA SER A 267 12.25 -19.15 -12.82
C SER A 267 11.71 -20.53 -12.47
N VAL A 268 12.05 -21.51 -13.31
CA VAL A 268 11.57 -22.88 -13.15
C VAL A 268 12.71 -23.75 -12.64
N ASN A 269 12.39 -24.64 -11.70
CA ASN A 269 13.30 -25.71 -11.30
C ASN A 269 12.70 -27.03 -11.74
N TRP A 270 13.45 -27.76 -12.57
CA TRP A 270 13.02 -29.08 -13.03
C TRP A 270 14.29 -29.73 -13.59
N HIS A 271 14.90 -30.60 -12.79
CA HIS A 271 16.26 -31.07 -13.08
C HIS A 271 17.21 -29.88 -13.26
N GLY A 272 17.21 -29.00 -12.27
CA GLY A 272 18.04 -27.81 -12.26
C GLY A 272 17.21 -26.55 -12.49
N TRP A 273 17.78 -25.43 -12.06
CA TRP A 273 17.16 -24.12 -12.28
C TRP A 273 17.40 -23.63 -13.70
N LYS A 274 16.34 -23.11 -14.33
CA LYS A 274 16.45 -22.45 -15.61
C LYS A 274 16.55 -20.93 -15.41
N ALA A 275 17.11 -20.27 -16.41
CA ALA A 275 17.31 -18.83 -16.31
C ALA A 275 15.98 -18.11 -16.11
N PRO A 276 15.94 -17.06 -15.29
CA PRO A 276 14.70 -16.28 -15.14
C PRO A 276 14.30 -15.66 -16.46
N LYS A 277 12.99 -15.59 -16.71
CA LYS A 277 12.47 -15.03 -17.95
CA LYS A 277 12.49 -15.02 -17.94
C LYS A 277 11.16 -14.31 -17.66
N GLN A 278 10.98 -13.18 -18.33
CA GLN A 278 9.74 -12.42 -18.19
C GLN A 278 8.62 -13.15 -18.93
N ILE A 279 7.48 -13.35 -18.26
CA ILE A 279 6.39 -14.11 -18.89
C ILE A 279 5.57 -13.26 -19.85
N ASP A 280 5.45 -11.96 -19.60
CA ASP A 280 4.78 -11.03 -20.50
C ASP A 280 5.28 -9.63 -20.14
N ASN A 281 5.02 -8.67 -21.03
CA ASN A 281 5.58 -7.33 -20.84
C ASN A 281 4.56 -6.32 -20.32
N ILE A 282 3.52 -6.78 -19.64
CA ILE A 282 2.50 -5.91 -19.08
C ILE A 282 2.82 -5.65 -17.61
N SER A 283 2.85 -4.37 -17.24
CA SER A 283 3.18 -3.98 -15.87
C SER A 283 1.95 -4.13 -14.98
N VAL A 284 2.06 -4.96 -13.96
CA VAL A 284 1.01 -5.12 -12.97
C VAL A 284 1.19 -4.07 -11.89
N VAL A 285 0.20 -3.91 -11.02
CA VAL A 285 0.39 -3.12 -9.83
C VAL A 285 1.37 -3.86 -8.93
N LYS A 286 2.38 -3.15 -8.42
CA LYS A 286 3.36 -3.79 -7.56
C LYS A 286 2.69 -4.09 -6.22
N ALA A 287 2.27 -5.34 -6.07
CA ALA A 287 1.38 -5.78 -5.01
C ALA A 287 1.32 -7.30 -5.09
N ASP A 288 0.80 -7.91 -4.02
CA ASP A 288 0.83 -9.36 -3.87
C ASP A 288 0.31 -10.08 -5.11
N ILE A 289 0.99 -11.18 -5.46
CA ILE A 289 0.54 -12.09 -6.50
C ILE A 289 0.36 -13.48 -5.88
N SER A 290 -0.31 -14.36 -6.61
CA SER A 290 -0.56 -15.72 -6.10
C SER A 290 -0.57 -16.67 -7.28
N ALA A 291 0.30 -17.67 -7.25
CA ALA A 291 0.41 -18.65 -8.31
C ALA A 291 -0.11 -20.00 -7.86
N THR A 292 -0.68 -20.75 -8.80
CA THR A 292 -1.14 -22.10 -8.53
C THR A 292 -0.98 -22.90 -9.82
N SER A 293 -1.03 -24.23 -9.71
CA SER A 293 -0.70 -25.04 -10.88
C SER A 293 -1.34 -26.42 -10.75
N PHE A 294 -1.49 -27.08 -11.89
CA PHE A 294 -1.91 -28.48 -11.91
C PHE A 294 -1.31 -29.15 -13.14
N THR A 295 -1.24 -30.47 -13.10
CA THR A 295 -0.71 -31.25 -14.20
C THR A 295 -1.87 -31.70 -15.09
N ARG A 296 -1.87 -31.22 -16.34
CA ARG A 296 -2.89 -31.50 -17.32
C ARG A 296 -2.83 -32.97 -17.75
N ASP A 297 -3.95 -33.45 -18.32
CA ASP A 297 -4.03 -34.86 -18.68
C ASP A 297 -3.02 -35.27 -19.76
N ASP A 298 -2.47 -34.31 -20.50
CA ASP A 298 -1.41 -34.62 -21.45
C ASP A 298 -0.02 -34.58 -20.83
N GLY A 299 0.08 -34.37 -19.52
CA GLY A 299 1.34 -34.39 -18.83
C GLY A 299 2.03 -33.05 -18.69
N THR A 300 1.54 -32.01 -19.37
CA THR A 300 2.08 -30.68 -19.22
C THR A 300 1.52 -30.02 -17.96
N VAL A 301 2.16 -28.93 -17.53
CA VAL A 301 1.79 -28.26 -16.29
C VAL A 301 1.19 -26.90 -16.63
N ASP A 302 -0.08 -26.73 -16.26
CA ASP A 302 -0.77 -25.46 -16.34
C ASP A 302 -0.43 -24.62 -15.12
N VAL A 303 -0.37 -23.30 -15.31
CA VAL A 303 -0.17 -22.36 -14.21
C VAL A 303 -1.24 -21.28 -14.32
N ARG A 304 -1.70 -20.80 -13.17
CA ARG A 304 -2.53 -19.60 -13.09
C ARG A 304 -1.86 -18.65 -12.12
N ILE A 305 -1.84 -17.36 -12.45
CA ILE A 305 -1.36 -16.34 -11.53
C ILE A 305 -2.46 -15.32 -11.37
N TYR A 306 -2.69 -14.92 -10.11
CA TYR A 306 -3.65 -13.90 -9.74
C TYR A 306 -2.91 -12.75 -9.10
N GLY A 307 -3.45 -11.55 -9.24
CA GLY A 307 -2.86 -10.38 -8.63
C GLY A 307 -3.64 -9.16 -9.05
N THR A 308 -3.02 -7.99 -8.88
CA THR A 308 -3.66 -6.72 -9.18
C THR A 308 -3.10 -6.17 -10.48
N ALA A 309 -3.99 -5.92 -11.45
CA ALA A 309 -3.64 -5.26 -12.71
C ALA A 309 -4.11 -3.82 -12.67
N GLN A 310 -3.53 -3.00 -13.55
CA GLN A 310 -3.96 -1.62 -13.65
C GLN A 310 -5.43 -1.56 -14.06
N LEU A 311 -6.20 -0.64 -13.48
CA LEU A 311 -5.79 0.28 -12.42
C LEU A 311 -5.94 -0.36 -11.04
N ASN A 312 -7.04 -1.08 -10.83
CA ASN A 312 -7.17 -1.94 -9.66
C ASN A 312 -8.19 -3.03 -9.97
N VAL A 313 -7.75 -4.09 -10.64
CA VAL A 313 -8.63 -5.22 -10.92
C VAL A 313 -7.86 -6.51 -10.63
N LEU A 314 -8.62 -7.55 -10.33
CA LEU A 314 -8.07 -8.87 -10.09
C LEU A 314 -7.80 -9.55 -11.43
N PHE A 315 -6.53 -9.76 -11.77
CA PHE A 315 -6.20 -10.41 -13.03
C PHE A 315 -6.09 -11.91 -12.86
N GLU A 316 -6.24 -12.62 -13.99
CA GLU A 316 -5.86 -14.03 -14.10
C GLU A 316 -4.97 -14.18 -15.32
N ARG A 317 -3.72 -14.61 -15.12
CA ARG A 317 -2.83 -14.97 -16.20
C ARG A 317 -2.81 -16.50 -16.32
N ILE A 318 -2.84 -16.99 -17.56
CA ILE A 318 -3.04 -18.40 -17.84
C ILE A 318 -1.85 -18.93 -18.64
N PHE A 319 -1.18 -19.95 -18.10
CA PHE A 319 -0.19 -20.72 -18.83
C PHE A 319 -0.81 -22.07 -19.13
N ARG A 320 -0.97 -22.37 -20.42
CA ARG A 320 -1.74 -23.53 -20.85
C ARG A 320 -1.23 -23.91 -22.24
N TYR A 321 -1.02 -25.20 -22.47
CA TYR A 321 -0.47 -25.70 -23.73
C TYR A 321 0.89 -25.07 -24.05
N GLY A 322 1.66 -24.76 -23.01
CA GLY A 322 3.02 -24.29 -23.19
C GLY A 322 3.17 -22.82 -23.51
N VAL A 323 2.10 -22.03 -23.44
CA VAL A 323 2.18 -20.61 -23.74
CA VAL A 323 2.16 -20.61 -23.76
C VAL A 323 1.40 -19.82 -22.70
N TRP A 324 1.89 -18.62 -22.41
CA TRP A 324 1.13 -17.66 -21.63
C TRP A 324 0.11 -17.01 -22.57
N GLU A 325 -1.16 -17.18 -22.28
CA GLU A 325 -2.19 -16.67 -23.17
C GLU A 325 -2.17 -15.15 -23.16
N GLU A 326 -2.30 -14.56 -24.34
CA GLU A 326 -2.13 -13.12 -24.48
CA GLU A 326 -2.12 -13.12 -24.45
C GLU A 326 -3.26 -12.35 -23.82
N LYS A 327 -4.48 -12.88 -23.90
CA LYS A 327 -5.63 -12.23 -23.29
C LYS A 327 -5.57 -12.49 -21.79
N ILE A 328 -5.36 -11.42 -21.02
CA ILE A 328 -5.34 -11.49 -19.58
C ILE A 328 -6.71 -11.06 -19.09
N HIS A 329 -7.37 -11.94 -18.35
N HIS A 329 -7.41 -11.93 -18.39
CA HIS A 329 -8.73 -11.75 -17.87
CA HIS A 329 -8.76 -11.56 -18.01
C HIS A 329 -8.73 -10.91 -16.60
C HIS A 329 -8.78 -10.98 -16.60
N SER A 330 -9.89 -10.33 -16.29
CA SER A 330 -10.14 -9.74 -14.99
C SER A 330 -11.37 -10.40 -14.38
N ILE A 331 -11.38 -10.50 -13.07
CA ILE A 331 -12.47 -11.12 -12.31
C ILE A 331 -13.12 -10.00 -11.51
N SER A 332 -14.35 -9.64 -11.86
CA SER A 332 -15.02 -8.55 -11.16
C SER A 332 -15.41 -8.97 -9.74
N VAL A 333 -15.13 -8.10 -8.78
CA VAL A 333 -15.45 -8.36 -7.38
C VAL A 333 -16.35 -7.29 -6.79
N GLY A 334 -16.91 -6.43 -7.62
CA GLY A 334 -17.76 -5.35 -7.14
C GLY A 334 -17.84 -4.25 -8.16
N LYS A 335 -18.24 -3.07 -7.69
CA LYS A 335 -18.46 -1.93 -8.57
CA LYS A 335 -18.46 -1.94 -8.58
C LYS A 335 -17.16 -1.45 -9.20
N GLU A 336 -17.27 -0.96 -10.44
CA GLU A 336 -16.11 -0.57 -11.22
C GLU A 336 -16.38 0.72 -11.95
N ILE A 337 -15.31 1.47 -12.22
CA ILE A 337 -15.42 2.62 -13.12
C ILE A 337 -14.32 2.55 -14.18
N PRO A 338 -14.62 2.96 -15.41
CA PRO A 338 -13.60 3.03 -16.45
C PRO A 338 -12.93 4.39 -16.43
N ILE A 339 -11.62 4.40 -16.63
CA ILE A 339 -10.82 5.63 -16.57
C ILE A 339 -9.87 5.63 -17.75
N GLU A 340 -9.77 6.76 -18.44
CA GLU A 340 -8.80 6.90 -19.51
C GLU A 340 -7.39 7.00 -18.94
N VAL A 341 -6.44 6.38 -19.62
CA VAL A 341 -5.04 6.34 -19.21
C VAL A 341 -4.20 6.87 -20.37
N VAL A 342 -3.31 7.81 -20.07
CA VAL A 342 -2.39 8.35 -21.06
C VAL A 342 -0.95 8.08 -20.65
N GLY A 343 -0.13 7.64 -21.60
CA GLY A 343 1.28 7.45 -21.34
C GLY A 343 2.00 8.78 -21.39
N VAL A 344 2.83 9.04 -20.38
CA VAL A 344 3.56 10.30 -20.34
CA VAL A 344 3.53 10.30 -20.21
C VAL A 344 5.01 10.03 -20.00
N ALA A 345 5.87 10.89 -20.57
CA ALA A 345 7.32 10.80 -20.44
C ALA A 345 7.80 11.63 -19.25
N ALA A 346 9.08 11.49 -18.95
CA ALA A 346 9.69 12.24 -17.85
C ALA A 346 9.80 13.72 -18.17
N PRO B 3 21.75 -6.52 -3.82
CA PRO B 3 21.12 -5.20 -3.75
CA PRO B 3 21.13 -5.18 -3.79
C PRO B 3 19.66 -5.26 -4.14
N VAL B 4 18.95 -4.16 -3.97
CA VAL B 4 17.61 -4.02 -4.52
C VAL B 4 17.74 -3.27 -5.84
N GLU B 5 16.87 -3.63 -6.78
CA GLU B 5 16.82 -2.99 -8.09
C GLU B 5 15.88 -1.80 -8.07
N PHE B 6 16.24 -0.75 -8.79
CA PHE B 6 15.46 0.47 -8.91
C PHE B 6 15.56 0.94 -10.35
N PRO B 7 14.52 1.56 -10.90
CA PRO B 7 14.58 2.00 -12.30
C PRO B 7 15.77 2.94 -12.53
N LYS B 8 16.58 2.61 -13.53
CA LYS B 8 17.80 3.38 -13.74
CA LYS B 8 17.81 3.36 -13.78
C LYS B 8 17.54 4.81 -14.16
N SER B 9 16.36 5.11 -14.70
CA SER B 9 16.02 6.46 -15.13
C SER B 9 15.56 7.35 -13.99
N LEU B 10 15.36 6.81 -12.79
CA LEU B 10 14.86 7.57 -11.65
C LEU B 10 15.95 7.70 -10.60
N ARG B 11 15.95 8.84 -9.90
CA ARG B 11 16.88 9.10 -8.81
C ARG B 11 16.20 8.72 -7.49
N ALA B 12 16.84 7.82 -6.72
CA ALA B 12 16.27 7.39 -5.46
C ALA B 12 16.60 8.33 -4.30
N SER B 13 17.63 9.16 -4.44
CA SER B 13 18.04 10.02 -3.35
C SER B 13 18.80 11.21 -3.91
N SER B 14 19.12 12.17 -3.03
CA SER B 14 19.92 13.33 -3.41
CA SER B 14 19.90 13.32 -3.47
C SER B 14 21.30 12.93 -3.89
N HIS B 15 21.82 11.80 -3.43
CA HIS B 15 23.14 11.35 -3.82
C HIS B 15 23.14 10.42 -5.02
N SER B 16 21.98 10.19 -5.63
CA SER B 16 21.94 9.43 -6.87
C SER B 16 22.68 10.16 -7.98
N SER B 17 23.16 9.39 -8.95
CA SER B 17 23.79 9.98 -10.13
C SER B 17 22.85 10.97 -10.80
N GLU B 18 23.42 11.85 -11.62
CA GLU B 18 22.65 12.94 -12.20
CA GLU B 18 22.66 12.94 -12.21
C GLU B 18 21.55 12.43 -13.13
N GLY B 19 21.82 11.39 -13.89
CA GLY B 19 20.85 10.86 -14.84
C GLY B 19 19.97 9.76 -14.31
N GLY B 20 20.01 9.47 -13.02
CA GLY B 20 19.28 8.36 -12.43
C GLY B 20 20.19 7.50 -11.59
N THR B 21 19.58 6.51 -10.96
CA THR B 21 20.29 5.69 -9.99
C THR B 21 21.25 4.74 -10.70
N THR B 22 22.47 4.65 -10.18
CA THR B 22 23.45 3.69 -10.67
C THR B 22 23.78 2.69 -9.56
N LYS B 23 24.56 3.11 -8.58
N LYS B 23 24.52 3.11 -8.55
CA LYS B 23 24.82 2.31 -7.39
CA LYS B 23 24.82 2.27 -7.39
C LYS B 23 24.85 3.25 -6.20
C LYS B 23 24.94 3.17 -6.17
N GLU B 24 24.14 2.88 -5.14
CA GLU B 24 24.11 3.72 -3.95
C GLU B 24 23.60 2.88 -2.78
N GLU B 25 23.60 3.48 -1.59
CA GLU B 25 23.00 2.88 -0.41
C GLU B 25 21.81 3.73 0.02
N ASP B 26 20.70 3.07 0.36
CA ASP B 26 19.53 3.75 0.88
C ASP B 26 19.04 3.02 2.12
N ILE B 27 18.15 3.66 2.87
CA ILE B 27 17.79 3.22 4.21
C ILE B 27 16.36 2.71 4.23
N TYR B 28 16.16 1.61 4.95
CA TYR B 28 14.84 1.04 5.23
C TYR B 28 14.57 1.20 6.72
N GLY B 29 13.68 2.12 7.07
CA GLY B 29 13.20 2.23 8.43
C GLY B 29 11.99 1.34 8.61
N TYR B 30 12.19 0.14 9.15
CA TYR B 30 11.13 -0.85 9.11
C TYR B 30 10.13 -0.72 10.25
N GLU B 31 10.31 0.24 11.15
CA GLU B 31 9.31 0.53 12.17
C GLU B 31 8.38 1.68 11.79
N LEU B 32 8.58 2.25 10.61
CA LEU B 32 7.61 3.13 10.00
C LEU B 32 6.70 2.28 9.12
N LEU B 33 5.37 2.41 9.27
CA LEU B 33 4.47 1.68 8.40
C LEU B 33 4.84 1.97 6.95
N TYR B 34 4.96 0.93 6.14
CA TYR B 34 5.28 1.17 4.74
C TYR B 34 4.15 1.96 4.10
N ARG B 35 4.49 3.10 3.50
CA ARG B 35 3.50 4.03 2.92
C ARG B 35 2.60 4.64 3.99
N SER B 36 3.17 4.98 5.13
CA SER B 36 2.42 5.63 6.21
C SER B 36 1.73 6.89 5.71
N ALA B 37 0.57 7.18 6.30
CA ALA B 37 0.01 8.50 6.18
C ALA B 37 0.86 9.49 6.96
N PHE B 38 0.77 10.76 6.57
CA PHE B 38 1.43 11.84 7.28
C PHE B 38 0.51 13.03 7.45
N ALA B 39 0.54 13.62 8.63
CA ALA B 39 -0.04 14.93 8.90
C ALA B 39 1.07 15.78 9.51
N SER B 40 0.91 17.10 9.45
CA SER B 40 1.99 17.96 9.94
C SER B 40 1.46 19.36 10.19
N TYR B 41 2.21 20.09 11.01
CA TYR B 41 1.97 21.52 11.16
C TYR B 41 3.23 22.15 11.70
N ILE B 42 3.75 23.15 11.01
CA ILE B 42 4.82 23.97 11.55
C ILE B 42 4.18 25.15 12.29
N ALA B 43 4.78 25.54 13.40
CA ALA B 43 4.27 26.70 14.12
C ALA B 43 4.25 27.92 13.21
N PRO B 44 3.23 28.77 13.31
CA PRO B 44 3.24 30.03 12.53
C PRO B 44 4.47 30.89 12.77
N THR B 45 5.14 30.76 13.92
CA THR B 45 6.40 31.45 14.18
C THR B 45 7.60 30.76 13.54
N GLY B 46 7.43 29.53 13.06
CA GLY B 46 8.55 28.74 12.58
C GLY B 46 9.40 28.11 13.66
N ALA B 47 9.04 28.25 14.93
CA ALA B 47 9.93 27.86 16.03
C ALA B 47 9.96 26.36 16.27
N TRP B 48 8.89 25.65 15.93
CA TRP B 48 8.84 24.21 16.16
C TRP B 48 7.95 23.58 15.11
N ASN B 49 8.01 22.24 15.04
CA ASN B 49 7.31 21.48 14.01
C ASN B 49 6.66 20.26 14.63
N LEU B 50 5.49 19.89 14.12
CA LEU B 50 4.83 18.64 14.48
C LEU B 50 4.56 17.83 13.22
N VAL B 51 4.84 16.53 13.30
CA VAL B 51 4.54 15.57 12.24
C VAL B 51 3.93 14.35 12.91
N TRP B 52 2.87 13.80 12.32
CA TRP B 52 2.28 12.57 12.81
C TRP B 52 2.29 11.50 11.72
N PHE B 53 2.43 10.25 12.14
CA PHE B 53 2.61 9.14 11.21
C PHE B 53 2.19 7.86 11.94
N GLN B 54 2.13 6.77 11.18
CA GLN B 54 1.76 5.47 11.73
C GLN B 54 2.99 4.58 11.78
N ALA B 55 3.25 4.00 12.95
CA ALA B 55 4.31 3.02 13.09
C ALA B 55 3.86 1.69 12.51
N ALA B 56 4.84 0.80 12.27
CA ALA B 56 4.53 -0.51 11.71
C ALA B 56 3.56 -1.27 12.60
N ASP B 57 3.64 -1.06 13.92
CA ASP B 57 2.78 -1.75 14.87
C ASP B 57 1.38 -1.15 14.96
N GLY B 58 1.06 -0.14 14.15
CA GLY B 58 -0.25 0.44 14.10
C GLY B 58 -0.44 1.64 15.01
N SER B 59 0.46 1.87 15.96
CA SER B 59 0.32 3.06 16.78
C SER B 59 0.51 4.32 15.94
N ILE B 60 -0.06 5.41 16.41
CA ILE B 60 0.12 6.72 15.80
C ILE B 60 1.15 7.46 16.63
N LYS B 61 2.19 7.95 15.98
CA LYS B 61 3.30 8.60 16.64
C LYS B 61 3.41 10.04 16.19
N GLN B 62 4.20 10.79 16.95
CA GLN B 62 4.44 12.21 16.71
C GLN B 62 5.94 12.43 16.68
N ALA B 63 6.40 13.18 15.69
CA ALA B 63 7.76 13.72 15.68
C ALA B 63 7.63 15.22 15.89
N ARG B 64 8.25 15.73 16.96
CA ARG B 64 8.22 17.15 17.28
C ARG B 64 9.64 17.69 17.18
N TRP B 65 9.81 18.77 16.42
CA TRP B 65 11.10 19.40 16.29
C TRP B 65 11.13 20.66 17.14
N TYR B 66 12.12 20.75 18.03
CA TYR B 66 12.47 21.98 18.71
C TYR B 66 13.96 21.84 19.02
N GLY B 67 14.77 22.32 18.10
CA GLY B 67 16.22 22.08 18.15
C GLY B 67 16.60 20.71 17.61
N GLU B 68 15.88 19.67 18.03
CA GLU B 68 16.07 18.30 17.58
CA GLU B 68 16.05 18.32 17.51
C GLU B 68 14.70 17.66 17.48
N TRP B 69 14.61 16.54 16.75
CA TRP B 69 13.38 15.78 16.66
C TRP B 69 13.25 14.84 17.85
N VAL B 70 12.05 14.79 18.43
CA VAL B 70 11.70 13.89 19.52
C VAL B 70 10.49 13.09 19.08
N ILE B 71 10.56 11.76 19.20
CA ILE B 71 9.49 10.86 18.80
C ILE B 71 8.71 10.45 20.04
N SER B 72 7.38 10.48 19.95
CA SER B 72 6.51 10.00 21.02
C SER B 72 5.34 9.27 20.39
N THR B 73 4.57 8.56 21.21
CA THR B 73 3.39 7.86 20.76
C THR B 73 2.15 8.58 21.29
N VAL B 74 1.24 8.93 20.39
CA VAL B 74 0.02 9.60 20.80
C VAL B 74 -1.19 8.66 20.89
N LEU B 75 -1.20 7.58 20.10
CA LEU B 75 -2.31 6.64 20.11
C LEU B 75 -1.74 5.22 20.06
N ALA B 76 -2.16 4.39 21.01
CA ALA B 76 -1.70 3.02 21.10
C ALA B 76 -2.23 2.18 19.94
N PRO B 77 -1.60 1.03 19.66
CA PRO B 77 -2.20 0.08 18.72
C PRO B 77 -3.62 -0.23 19.12
N GLY B 78 -4.49 -0.38 18.12
CA GLY B 78 -5.89 -0.62 18.34
C GLY B 78 -6.78 0.60 18.16
N LYS B 79 -6.21 1.79 18.27
CA LYS B 79 -7.00 3.01 18.09
C LYS B 79 -7.30 3.27 16.62
N ALA B 80 -6.32 3.05 15.75
CA ALA B 80 -6.40 3.47 14.35
C ALA B 80 -6.41 2.28 13.41
N LEU B 81 -7.17 2.42 12.33
CA LEU B 81 -7.09 1.53 11.18
C LEU B 81 -5.63 1.36 10.77
N GLN B 82 -5.25 0.13 10.40
CA GLN B 82 -3.94 -0.06 9.80
C GLN B 82 -3.95 0.57 8.42
N GLY B 83 -3.13 1.60 8.23
CA GLY B 83 -3.20 2.42 7.03
C GLY B 83 -4.14 3.58 7.13
N THR B 84 -4.49 4.04 8.33
CA THR B 84 -5.38 5.17 8.50
C THR B 84 -4.85 6.41 7.78
N PRO B 85 -5.75 7.23 7.24
CA PRO B 85 -5.34 8.60 6.87
C PRO B 85 -5.16 9.43 8.12
N LEU B 86 -4.50 10.58 7.96
CA LEU B 86 -4.24 11.51 9.06
C LEU B 86 -4.34 12.93 8.55
N THR B 87 -4.89 13.83 9.36
CA THR B 87 -4.85 15.26 9.05
C THR B 87 -4.92 16.03 10.36
N ALA B 88 -4.30 17.22 10.38
CA ALA B 88 -4.13 17.94 11.64
C ALA B 88 -4.59 19.39 11.54
N LEU B 89 -4.99 19.93 12.68
CA LEU B 89 -5.32 21.35 12.87
C LEU B 89 -4.46 21.93 13.98
N LEU B 90 -4.16 23.22 13.86
CA LEU B 90 -3.40 23.96 14.87
C LEU B 90 -3.94 25.38 14.88
N TRP B 91 -4.35 25.87 16.05
CA TRP B 91 -4.82 27.25 16.13
C TRP B 91 -4.51 27.82 17.51
N GLY B 92 -4.79 29.12 17.66
CA GLY B 92 -4.68 29.76 18.95
C GLY B 92 -3.81 31.00 19.13
N PRO B 93 -2.83 31.30 18.24
CA PRO B 93 -2.45 30.72 16.94
C PRO B 93 -1.81 29.34 16.99
N GLN B 94 -1.26 28.93 18.14
CA GLN B 94 -0.44 27.72 18.11
C GLN B 94 -0.44 26.98 19.43
N ASP B 95 -1.54 27.02 20.19
CA ASP B 95 -1.62 26.33 21.46
C ASP B 95 -2.68 25.23 21.51
N THR B 96 -3.34 24.94 20.40
CA THR B 96 -4.44 23.98 20.37
C THR B 96 -4.30 23.14 19.12
N VAL B 97 -4.23 21.81 19.30
CA VAL B 97 -3.93 20.87 18.22
C VAL B 97 -5.01 19.80 18.15
N ARG B 98 -5.42 19.44 16.95
CA ARG B 98 -6.32 18.32 16.74
C ARG B 98 -5.76 17.43 15.64
N LEU B 99 -5.89 16.11 15.82
CA LEU B 99 -5.47 15.14 14.81
C LEU B 99 -6.65 14.23 14.51
N TYR B 100 -6.98 14.08 13.24
CA TYR B 100 -8.10 13.25 12.80
C TYR B 100 -7.56 12.00 12.13
N TYR B 101 -8.23 10.88 12.38
CA TYR B 101 -7.83 9.57 11.90
C TYR B 101 -9.09 8.71 11.84
N LEU B 102 -8.93 7.47 11.34
CA LEU B 102 -10.03 6.52 11.27
C LEU B 102 -9.79 5.38 12.24
N SER B 103 -10.86 4.94 12.90
CA SER B 103 -10.83 3.74 13.71
C SER B 103 -10.76 2.52 12.80
N PRO B 104 -10.48 1.34 13.36
CA PRO B 104 -10.48 0.12 12.54
C PRO B 104 -11.84 -0.22 11.96
N GLN B 105 -12.91 0.44 12.42
CA GLN B 105 -14.26 0.31 11.88
C GLN B 105 -14.62 1.47 10.94
N PHE B 106 -13.63 2.23 10.49
CA PHE B 106 -13.84 3.26 9.48
C PHE B 106 -14.74 4.39 9.98
N GLU B 107 -14.62 4.75 11.25
CA GLU B 107 -15.31 5.91 11.80
C GLU B 107 -14.33 7.03 12.09
N LEU B 108 -14.76 8.27 11.85
CA LEU B 108 -13.94 9.44 12.18
C LEU B 108 -13.58 9.45 13.66
N GLN B 109 -12.31 9.73 13.94
CA GLN B 109 -11.85 9.88 15.30
C GLN B 109 -11.01 11.15 15.40
N GLU B 110 -10.89 11.65 16.64
CA GLU B 110 -10.21 12.91 16.91
C GLU B 110 -9.36 12.76 18.17
N TRP B 111 -8.09 13.15 18.06
CA TRP B 111 -7.19 13.27 19.20
C TRP B 111 -6.94 14.74 19.45
N CYS B 112 -6.94 15.14 20.72
CA CYS B 112 -6.88 16.53 21.11
C CYS B 112 -5.67 16.78 21.99
N TRP B 113 -5.01 17.91 21.76
CA TRP B 113 -3.89 18.35 22.60
C TRP B 113 -4.10 19.83 22.87
N ASP B 114 -4.42 20.16 24.12
CA ASP B 114 -4.61 21.54 24.55
C ASP B 114 -3.39 21.99 25.34
N THR B 115 -2.79 23.12 24.91
CA THR B 115 -1.66 23.71 25.63
C THR B 115 -1.89 25.18 25.96
N LYS B 116 -3.12 25.67 25.83
CA LYS B 116 -3.42 27.05 26.17
C LYS B 116 -3.02 27.34 27.62
N ASN B 117 -2.34 28.46 27.82
CA ASN B 117 -1.95 28.92 29.15
C ASN B 117 -1.05 27.93 29.87
N GLY B 118 -0.24 27.18 29.12
CA GLY B 118 0.67 26.24 29.73
C GLY B 118 0.09 24.89 30.07
N ALA B 119 -1.17 24.64 29.71
CA ALA B 119 -1.74 23.31 29.88
C ALA B 119 -0.99 22.31 29.00
N ASP B 120 -1.26 21.03 29.25
CA ASP B 120 -0.65 19.97 28.46
C ASP B 120 -1.59 18.77 28.60
N ASN B 121 -2.76 18.88 28.00
CA ASN B 121 -3.83 17.90 28.13
CA ASN B 121 -3.83 17.91 28.13
C ASN B 121 -4.05 17.21 26.79
N LYS B 122 -3.90 15.89 26.78
CA LYS B 122 -4.15 15.09 25.59
C LYS B 122 -5.33 14.18 25.88
N TYR B 123 -6.28 14.11 24.95
CA TYR B 123 -7.51 13.37 25.21
C TYR B 123 -8.24 13.07 23.91
N ASP B 124 -9.17 12.10 23.99
CA ASP B 124 -10.03 11.77 22.86
C ASP B 124 -11.11 12.83 22.70
N GLY B 125 -11.34 13.26 21.47
CA GLY B 125 -12.30 14.31 21.21
C GLY B 125 -13.73 13.82 21.11
N ALA B 126 -14.66 14.80 21.14
CA ALA B 126 -16.08 14.51 21.06
C ALA B 126 -16.50 13.95 19.72
N LEU B 127 -15.70 14.11 18.67
CA LEU B 127 -16.09 13.58 17.38
C LEU B 127 -16.29 12.07 17.43
N ASN B 128 -15.50 11.37 18.26
CA ASN B 128 -15.58 9.91 18.31
C ASN B 128 -17.00 9.45 18.58
N ALA B 129 -17.71 10.14 19.47
CA ALA B 129 -19.05 9.72 19.87
C ALA B 129 -20.08 9.87 18.75
N ALA B 130 -19.81 10.69 17.73
CA ALA B 130 -20.73 10.82 16.61
C ALA B 130 -20.75 9.59 15.72
N LYS B 131 -19.73 8.73 15.81
CA LYS B 131 -19.67 7.46 15.07
C LYS B 131 -19.92 7.66 13.57
N VAL B 132 -19.14 8.56 12.97
CA VAL B 132 -19.35 8.91 11.56
C VAL B 132 -18.63 7.89 10.69
N LYS B 133 -19.41 7.02 10.04
CA LYS B 133 -18.86 6.00 9.15
CA LYS B 133 -18.85 6.00 9.16
C LYS B 133 -18.51 6.63 7.81
N VAL B 134 -17.32 6.31 7.30
CA VAL B 134 -16.84 6.87 6.04
C VAL B 134 -16.51 5.72 5.09
N ALA B 135 -16.29 6.05 3.82
CA ALA B 135 -15.81 5.03 2.89
C ALA B 135 -14.51 4.44 3.43
N PRO B 136 -14.30 3.13 3.30
CA PRO B 136 -13.14 2.51 3.98
C PRO B 136 -11.80 3.00 3.45
N TYR B 137 -11.75 3.48 2.20
CA TYR B 137 -10.58 4.06 1.59
C TYR B 137 -10.55 5.58 1.68
N SER B 138 -11.42 6.18 2.48
CA SER B 138 -11.46 7.64 2.58
C SER B 138 -10.14 8.20 3.09
N LYS B 139 -9.75 9.34 2.53
CA LYS B 139 -8.73 10.18 3.13
C LYS B 139 -9.42 11.24 3.98
N LEU B 140 -8.64 12.16 4.57
CA LEU B 140 -9.17 13.16 5.49
C LEU B 140 -8.52 14.50 5.26
N GLY B 141 -9.34 15.57 5.37
CA GLY B 141 -8.82 16.91 5.43
C GLY B 141 -9.56 17.66 6.52
N ALA B 142 -9.08 18.86 6.85
CA ALA B 142 -9.71 19.64 7.90
C ALA B 142 -9.21 21.07 7.86
N VAL B 143 -10.09 22.00 8.27
CA VAL B 143 -9.71 23.39 8.50
C VAL B 143 -10.32 23.87 9.81
N SER B 144 -9.79 24.99 10.31
CA SER B 144 -10.35 25.69 11.46
C SER B 144 -10.47 27.17 11.13
N PHE B 145 -11.44 27.83 11.78
CA PHE B 145 -11.62 29.26 11.59
C PHE B 145 -12.30 29.86 12.80
N GLY B 146 -12.22 31.18 12.92
CA GLY B 146 -12.84 31.86 14.05
C GLY B 146 -12.49 31.25 15.39
N GLY B 147 -11.25 30.79 15.54
CA GLY B 147 -10.89 30.00 16.69
C GLY B 147 -11.30 28.56 16.52
N ALA B 148 -12.22 28.09 17.36
CA ALA B 148 -12.58 26.68 17.43
C ALA B 148 -13.82 26.32 16.62
N ASN B 149 -13.95 26.85 15.41
CA ASN B 149 -14.92 26.36 14.44
C ASN B 149 -14.17 25.42 13.52
N LEU B 150 -14.55 24.15 13.54
CA LEU B 150 -13.79 23.11 12.87
C LEU B 150 -14.61 22.50 11.74
N ARG B 151 -13.92 22.11 10.67
CA ARG B 151 -14.54 21.43 9.55
C ARG B 151 -13.65 20.24 9.20
N VAL B 152 -14.26 19.05 9.14
CA VAL B 152 -13.55 17.83 8.79
C VAL B 152 -14.14 17.31 7.49
N TYR B 153 -13.27 16.97 6.54
CA TYR B 153 -13.63 16.53 5.20
C TYR B 153 -13.24 15.08 5.02
N TYR B 154 -14.12 14.31 4.41
CA TYR B 154 -13.92 12.88 4.23
C TYR B 154 -14.71 12.47 3.01
N GLN B 155 -14.51 11.22 2.60
CA GLN B 155 -15.26 10.65 1.49
C GLN B 155 -16.32 9.72 2.05
N GLY B 156 -17.57 10.02 1.74
CA GLY B 156 -18.66 9.19 2.19
C GLY B 156 -18.70 7.90 1.41
N THR B 157 -19.59 7.01 1.88
CA THR B 157 -19.66 5.68 1.27
C THR B 157 -20.14 5.71 -0.17
N ASN B 158 -20.81 6.77 -0.61
CA ASN B 158 -21.19 6.93 -2.00
C ASN B 158 -20.14 7.66 -2.83
N ASN B 159 -18.95 7.89 -2.26
CA ASN B 159 -17.78 8.48 -2.89
C ASN B 159 -17.83 9.99 -3.05
N LYS B 160 -18.89 10.66 -2.61
CA LYS B 160 -18.88 12.11 -2.56
C LYS B 160 -18.01 12.60 -1.41
N LEU B 161 -17.41 13.76 -1.58
CA LEU B 161 -16.76 14.41 -0.45
C LEU B 161 -17.81 15.04 0.45
N GLU B 162 -17.58 14.92 1.75
CA GLU B 162 -18.55 15.30 2.77
C GLU B 162 -17.82 16.08 3.86
N GLU B 163 -18.60 16.88 4.59
CA GLU B 163 -18.09 17.73 5.66
C GLU B 163 -18.83 17.44 6.95
N TYR B 164 -18.09 17.45 8.06
CA TYR B 164 -18.64 17.47 9.41
C TYR B 164 -18.19 18.76 10.08
N THR B 165 -19.06 19.34 10.92
CA THR B 165 -18.82 20.67 11.46
C THR B 165 -18.83 20.65 12.98
N PHE B 166 -18.04 21.55 13.58
CA PHE B 166 -18.07 21.80 15.01
C PHE B 166 -18.03 23.32 15.22
N GLY B 167 -18.86 23.80 16.12
CA GLY B 167 -18.84 25.21 16.49
C GLY B 167 -20.20 25.70 16.91
N GLY B 168 -20.21 26.94 17.40
CA GLY B 168 -21.45 27.61 17.79
C GLY B 168 -22.16 26.98 18.97
N GLY B 169 -21.45 26.18 19.78
CA GLY B 169 -22.10 25.45 20.84
C GLY B 169 -22.98 24.31 20.37
N GLN B 170 -22.94 23.98 19.08
CA GLN B 170 -23.80 22.95 18.51
C GLN B 170 -23.27 21.54 18.74
N GLY B 171 -21.98 21.39 19.00
CA GLY B 171 -21.35 20.08 18.90
C GLY B 171 -21.10 19.70 17.46
N TRP B 172 -20.74 18.44 17.26
CA TRP B 172 -20.45 17.93 15.92
C TRP B 172 -21.74 17.63 15.16
N LYS B 173 -21.85 18.19 13.96
CA LYS B 173 -23.04 18.01 13.14
C LYS B 173 -22.62 17.78 11.69
N LYS B 174 -23.48 17.09 10.95
CA LYS B 174 -23.21 16.91 9.52
C LYS B 174 -23.23 18.27 8.83
N GLY B 175 -22.24 18.51 7.99
CA GLY B 175 -22.15 19.69 7.17
C GLY B 175 -22.52 19.42 5.73
N ALA B 176 -21.86 20.14 4.81
CA ALA B 176 -22.19 20.09 3.40
C ALA B 176 -21.83 18.75 2.78
N THR B 177 -22.51 18.45 1.68
CA THR B 177 -22.06 17.48 0.68
C THR B 177 -21.45 18.29 -0.45
N LEU B 178 -20.21 18.00 -0.79
CA LEU B 178 -19.49 18.85 -1.71
CA LEU B 178 -19.51 18.87 -1.71
C LEU B 178 -19.79 18.48 -3.16
N PRO B 179 -19.64 19.43 -4.09
CA PRO B 179 -19.87 19.12 -5.51
C PRO B 179 -18.75 18.28 -6.12
N GLY B 180 -18.88 17.97 -7.41
CA GLY B 180 -17.87 17.19 -8.10
C GLY B 180 -18.07 15.71 -7.97
N ASP B 181 -17.19 14.97 -8.66
CA ASP B 181 -17.27 13.52 -8.81
CA ASP B 181 -17.27 13.52 -8.80
C ASP B 181 -15.92 12.94 -8.40
N PRO B 182 -15.71 12.70 -7.10
CA PRO B 182 -14.37 12.32 -6.64
C PRO B 182 -14.01 10.87 -6.94
N LEU B 183 -12.75 10.66 -7.29
CA LEU B 183 -12.25 9.30 -7.46
C LEU B 183 -12.40 8.55 -6.13
N PRO B 184 -12.94 7.33 -6.12
CA PRO B 184 -12.94 6.54 -4.88
C PRO B 184 -11.52 6.39 -4.35
N GLY B 185 -11.31 6.77 -3.09
CA GLY B 185 -10.01 6.70 -2.48
C GLY B 185 -9.11 7.88 -2.73
N THR B 186 -9.60 8.92 -3.39
CA THR B 186 -8.77 10.09 -3.69
C THR B 186 -8.08 10.61 -2.44
N TYR B 187 -6.84 11.05 -2.60
CA TYR B 187 -6.24 11.89 -1.58
C TYR B 187 -6.95 13.24 -1.59
N ILE B 188 -7.03 13.86 -0.42
CA ILE B 188 -7.69 15.15 -0.29
C ILE B 188 -6.87 16.05 0.63
N SER B 189 -6.97 17.35 0.39
CA SER B 189 -6.27 18.30 1.24
C SER B 189 -7.02 19.62 1.22
N PHE B 190 -7.41 20.10 2.39
CA PHE B 190 -8.19 21.32 2.54
C PHE B 190 -7.43 22.36 3.33
N VAL B 191 -7.56 23.63 2.92
CA VAL B 191 -6.84 24.74 3.53
C VAL B 191 -7.82 25.89 3.71
N ASN B 192 -7.47 26.78 4.64
CA ASN B 192 -8.20 28.01 4.89
C ASN B 192 -7.28 29.17 4.53
N ARG B 193 -7.67 29.94 3.50
CA ARG B 193 -6.87 31.08 3.05
C ARG B 193 -6.93 32.26 4.01
N ASN B 194 -7.94 32.31 4.88
CA ASN B 194 -8.06 33.38 5.86
C ASN B 194 -7.42 32.97 7.18
N LYS B 195 -7.16 33.96 8.03
CA LYS B 195 -6.43 33.74 9.27
CA LYS B 195 -6.43 33.73 9.27
C LYS B 195 -7.24 32.88 10.23
N TRP B 196 -6.53 32.15 11.10
CA TRP B 196 -7.15 31.18 12.00
C TRP B 196 -8.24 31.80 12.87
N ASP B 197 -8.13 33.09 13.20
CA ASP B 197 -9.09 33.76 14.07
C ASP B 197 -10.19 34.51 13.32
N ALA B 198 -10.16 34.48 11.99
CA ALA B 198 -11.09 35.23 11.17
C ALA B 198 -12.33 34.40 10.86
N ASN B 199 -13.44 35.09 10.64
CA ASN B 199 -14.72 34.49 10.31
C ASN B 199 -15.41 35.49 9.39
N PRO B 200 -15.79 35.11 8.15
CA PRO B 200 -15.78 33.76 7.56
C PRO B 200 -14.41 33.28 7.08
N PRO B 201 -14.29 31.96 6.92
CA PRO B 201 -13.09 31.38 6.30
C PRO B 201 -13.15 31.55 4.77
N SER B 202 -12.09 31.10 4.12
CA SER B 202 -12.02 31.05 2.65
C SER B 202 -11.41 29.69 2.35
N ILE B 203 -12.24 28.69 2.04
CA ILE B 203 -11.81 27.29 2.10
C ILE B 203 -11.53 26.79 0.69
N ARG B 204 -10.42 26.06 0.54
CA ARG B 204 -10.09 25.39 -0.71
C ARG B 204 -9.75 23.93 -0.41
N GLY B 205 -10.26 23.02 -1.23
CA GLY B 205 -9.90 21.62 -1.12
C GLY B 205 -9.43 21.11 -2.46
N TYR B 206 -8.47 20.20 -2.43
CA TYR B 206 -7.88 19.63 -3.63
C TYR B 206 -8.07 18.12 -3.59
N PHE B 207 -8.45 17.56 -4.75
CA PHE B 207 -8.80 16.15 -4.84
C PHE B 207 -8.68 15.70 -6.29
N GLN B 208 -8.74 14.39 -6.49
CA GLN B 208 -8.70 13.78 -7.81
C GLN B 208 -10.10 13.31 -8.18
N THR B 209 -10.49 13.54 -9.43
CA THR B 209 -11.83 13.17 -9.88
C THR B 209 -11.83 11.79 -10.53
N VAL B 210 -13.03 11.31 -10.85
CA VAL B 210 -13.19 10.02 -11.53
C VAL B 210 -12.55 9.99 -12.90
N THR B 211 -12.22 11.14 -13.49
CA THR B 211 -11.54 11.12 -14.78
C THR B 211 -10.04 11.06 -14.64
N GLY B 212 -9.51 11.23 -13.44
CA GLY B 212 -8.09 11.32 -13.22
C GLY B 212 -7.57 12.73 -13.07
N SER B 213 -8.36 13.73 -13.44
CA SER B 213 -7.97 15.11 -13.28
C SER B 213 -7.90 15.48 -11.79
N LEU B 214 -7.16 16.55 -11.50
CA LEU B 214 -7.23 17.16 -10.19
C LEU B 214 -8.17 18.35 -10.24
N ALA B 215 -8.91 18.55 -9.16
CA ALA B 215 -9.96 19.55 -9.10
C ALA B 215 -9.90 20.23 -7.74
N GLU B 216 -10.71 21.29 -7.61
CA GLU B 216 -10.67 22.17 -6.45
C GLU B 216 -12.08 22.44 -5.94
N GLN B 217 -12.26 22.28 -4.63
CA GLN B 217 -13.48 22.70 -3.93
C GLN B 217 -13.25 24.10 -3.42
N VAL B 218 -14.26 24.96 -3.58
CA VAL B 218 -14.20 26.34 -3.12
C VAL B 218 -15.39 26.61 -2.22
N TRP B 219 -15.15 27.10 -1.01
CA TRP B 219 -16.21 27.70 -0.20
C TRP B 219 -15.91 29.16 0.04
N GLU B 220 -16.90 29.99 -0.27
CA GLU B 220 -17.02 31.37 0.20
C GLU B 220 -18.47 31.54 0.63
N THR B 221 -18.78 32.60 1.36
CA THR B 221 -20.16 32.83 1.79
CA THR B 221 -20.15 32.85 1.79
C THR B 221 -21.09 32.69 0.60
N GLY B 222 -22.13 31.89 0.76
CA GLY B 222 -23.03 31.52 -0.32
C GLY B 222 -22.99 30.05 -0.67
N GLY B 223 -21.82 29.41 -0.53
CA GLY B 223 -21.77 27.98 -0.61
C GLY B 223 -20.58 27.46 -1.39
N TRP B 224 -20.63 26.18 -1.69
CA TRP B 224 -19.54 25.44 -2.31
C TRP B 224 -19.68 25.45 -3.83
N ARG B 225 -18.53 25.48 -4.51
CA ARG B 225 -18.51 25.36 -5.95
C ARG B 225 -17.19 24.74 -6.37
N ILE B 226 -17.14 24.18 -7.56
CA ILE B 226 -15.89 23.70 -8.14
C ILE B 226 -15.09 24.90 -8.63
N GLY B 227 -13.81 24.95 -8.26
CA GLY B 227 -12.97 26.09 -8.53
C GLY B 227 -12.27 26.03 -9.88
N GLN B 228 -11.47 27.07 -10.12
CA GLN B 228 -10.78 27.21 -11.39
C GLN B 228 -9.52 26.35 -11.53
N PHE B 229 -8.99 25.82 -10.43
CA PHE B 229 -7.80 24.97 -10.50
C PHE B 229 -8.16 23.64 -11.15
N VAL B 230 -7.53 23.35 -12.29
CA VAL B 230 -7.77 22.12 -13.03
C VAL B 230 -6.43 21.59 -13.51
N ILE B 231 -6.10 20.36 -13.13
CA ILE B 231 -4.98 19.62 -13.70
C ILE B 231 -5.58 18.49 -14.53
N PRO B 232 -5.44 18.50 -15.86
CA PRO B 232 -6.22 17.54 -16.67
C PRO B 232 -5.87 16.08 -16.42
N ALA B 233 -4.65 15.78 -16.04
CA ALA B 233 -4.22 14.39 -15.87
C ALA B 233 -3.20 14.32 -14.75
N ALA B 234 -3.31 13.28 -13.93
CA ALA B 234 -2.36 13.02 -12.86
C ALA B 234 -2.31 11.52 -12.64
N PRO B 235 -1.27 11.02 -11.98
CA PRO B 235 -1.20 9.58 -11.71
C PRO B 235 -2.41 9.11 -10.91
N PHE B 236 -2.79 7.85 -11.15
CA PHE B 236 -3.92 7.25 -10.45
C PHE B 236 -3.65 7.24 -8.95
N LEU B 237 -4.59 7.77 -8.17
CA LEU B 237 -4.45 7.84 -6.71
C LEU B 237 -3.15 8.57 -6.32
N THR B 238 -2.87 9.68 -6.99
CA THR B 238 -1.70 10.45 -6.62
C THR B 238 -1.87 11.06 -5.23
N PRO B 239 -0.84 10.99 -4.38
CA PRO B 239 -0.84 11.81 -3.17
C PRO B 239 -1.03 13.27 -3.53
N ILE B 240 -1.73 13.99 -2.65
CA ILE B 240 -2.01 15.41 -2.78
C ILE B 240 -1.85 16.04 -1.39
N SER B 241 -1.19 17.20 -1.32
CA SER B 241 -1.22 17.98 -0.10
C SER B 241 -1.07 19.45 -0.44
N ALA B 242 -1.85 20.29 0.22
CA ALA B 242 -1.83 21.72 0.00
C ALA B 242 -1.58 22.45 1.30
N THR B 243 -0.99 23.65 1.20
CA THR B 243 -0.77 24.49 2.36
C THR B 243 -0.82 25.95 1.92
N VAL B 244 -1.31 26.81 2.80
CA VAL B 244 -1.45 28.23 2.48
C VAL B 244 -0.89 29.07 3.64
N SER B 245 -0.20 30.15 3.28
CA SER B 245 0.24 31.17 4.21
CA SER B 245 0.26 31.16 4.21
C SER B 245 0.32 32.46 3.43
N PRO B 246 0.16 33.61 4.07
CA PRO B 246 0.19 34.88 3.32
C PRO B 246 1.62 35.25 2.92
N GLU B 247 1.80 35.56 1.64
CA GLU B 247 3.06 36.10 1.13
C GLU B 247 2.79 37.54 0.71
N LYS B 248 3.53 38.47 1.30
CA LYS B 248 3.31 39.89 1.07
C LYS B 248 1.84 40.26 1.23
N ASP B 249 1.22 39.69 2.27
CA ASP B 249 -0.16 40.02 2.67
C ASP B 249 -1.23 39.51 1.70
N PHE B 250 -0.93 38.46 0.94
CA PHE B 250 -1.97 37.82 0.11
C PHE B 250 -1.77 36.32 0.22
N PRO B 251 -2.85 35.55 0.38
CA PRO B 251 -2.71 34.10 0.61
C PRO B 251 -1.99 33.43 -0.54
N LYS B 252 -0.96 32.65 -0.21
CA LYS B 252 -0.19 31.90 -1.20
C LYS B 252 -0.53 30.42 -1.01
N ILE B 253 -1.34 29.88 -1.91
CA ILE B 253 -1.67 28.45 -1.87
C ILE B 253 -0.58 27.67 -2.58
N HIS B 254 -0.13 26.58 -1.96
CA HIS B 254 0.81 25.66 -2.58
C HIS B 254 0.12 24.30 -2.66
N VAL B 255 -0.01 23.74 -3.85
CA VAL B 255 -0.63 22.43 -4.05
C VAL B 255 0.44 21.49 -4.56
N TYR B 256 0.62 20.36 -3.89
CA TYR B 256 1.64 19.38 -4.25
C TYR B 256 0.99 18.04 -4.61
N TRP B 257 1.51 17.42 -5.67
CA TRP B 257 1.11 16.07 -6.02
C TRP B 257 2.30 15.40 -6.70
N LEU B 258 2.13 14.15 -7.14
CA LEU B 258 3.24 13.41 -7.71
C LEU B 258 3.11 13.28 -9.22
N SER B 259 4.26 13.31 -9.91
CA SER B 259 4.34 13.01 -11.31
C SER B 259 4.34 11.49 -11.52
N VAL B 260 4.32 11.06 -12.78
CA VAL B 260 4.43 9.63 -13.07
C VAL B 260 5.76 9.07 -12.62
N GLU B 261 6.77 9.92 -12.49
CA GLU B 261 8.08 9.52 -11.98
C GLU B 261 8.12 9.55 -10.45
N SER B 262 7.00 9.83 -9.81
CA SER B 262 6.92 10.01 -8.36
C SER B 262 7.83 11.12 -7.87
N THR B 263 8.00 12.15 -8.67
CA THR B 263 8.61 13.40 -8.21
C THR B 263 7.51 14.37 -7.84
N ILE B 264 7.84 15.32 -6.97
CA ILE B 264 6.84 16.22 -6.41
C ILE B 264 6.65 17.42 -7.35
N ILE B 265 5.40 17.64 -7.75
CA ILE B 265 4.99 18.77 -8.57
CA ILE B 265 4.99 18.77 -8.57
C ILE B 265 4.30 19.78 -7.67
N GLU B 266 4.59 21.08 -7.88
CA GLU B 266 3.98 22.17 -7.14
C GLU B 266 3.25 23.11 -8.08
N SER B 267 2.05 23.52 -7.69
CA SER B 267 1.33 24.63 -8.32
CA SER B 267 1.39 24.66 -8.32
C SER B 267 1.02 25.66 -7.25
N VAL B 268 1.34 26.92 -7.50
CA VAL B 268 1.14 28.00 -6.54
C VAL B 268 0.02 28.91 -7.04
N ASN B 269 -0.86 29.30 -6.13
CA ASN B 269 -1.83 30.35 -6.38
C ASN B 269 -1.45 31.57 -5.54
N TRP B 270 -1.19 32.68 -6.22
CA TRP B 270 -0.84 33.93 -5.54
C TRP B 270 -1.06 35.03 -6.58
N HIS B 271 -2.20 35.70 -6.49
CA HIS B 271 -2.67 36.56 -7.58
C HIS B 271 -2.72 35.77 -8.88
N GLY B 272 -3.41 34.63 -8.84
CA GLY B 272 -3.55 33.75 -9.97
C GLY B 272 -2.69 32.50 -9.83
N TRP B 273 -3.05 31.47 -10.60
CA TRP B 273 -2.32 30.21 -10.61
C TRP B 273 -1.10 30.31 -11.50
N LYS B 274 0.01 29.76 -11.03
CA LYS B 274 1.22 29.62 -11.82
C LYS B 274 1.32 28.18 -12.33
N ALA B 275 2.07 28.00 -13.41
CA ALA B 275 2.16 26.69 -14.04
C ALA B 275 2.77 25.68 -13.07
N PRO B 276 2.32 24.43 -13.11
CA PRO B 276 2.92 23.41 -12.25
C PRO B 276 4.40 23.24 -12.59
N LYS B 277 5.21 22.98 -11.56
CA LYS B 277 6.64 22.79 -11.76
CA LYS B 277 6.64 22.79 -11.76
C LYS B 277 7.16 21.77 -10.75
N GLN B 278 8.05 20.92 -11.23
CA GLN B 278 8.68 19.92 -10.35
C GLN B 278 9.63 20.62 -9.39
N ILE B 279 9.55 20.28 -8.10
CA ILE B 279 10.39 20.97 -7.12
C ILE B 279 11.79 20.38 -7.05
N ASP B 280 11.91 19.08 -7.34
CA ASP B 280 13.21 18.41 -7.44
C ASP B 280 12.96 17.12 -8.21
N ASN B 281 14.04 16.48 -8.66
CA ASN B 281 13.90 15.32 -9.52
C ASN B 281 14.15 14.00 -8.81
N ILE B 282 13.97 13.95 -7.49
CA ILE B 282 14.18 12.73 -6.71
C ILE B 282 12.83 12.03 -6.54
N SER B 283 12.79 10.75 -6.90
CA SER B 283 11.55 9.97 -6.83
C SER B 283 11.29 9.53 -5.40
N VAL B 284 10.17 9.96 -4.83
CA VAL B 284 9.75 9.54 -3.50
C VAL B 284 8.97 8.24 -3.63
N VAL B 285 8.68 7.58 -2.51
CA VAL B 285 7.73 6.48 -2.55
C VAL B 285 6.35 7.06 -2.83
N LYS B 286 5.63 6.44 -3.77
CA LYS B 286 4.30 6.93 -4.10
C LYS B 286 3.37 6.58 -2.93
N ALA B 287 3.16 7.58 -2.07
CA ALA B 287 2.51 7.39 -0.78
C ALA B 287 2.27 8.79 -0.23
N ASP B 288 1.42 8.86 0.79
CA ASP B 288 0.95 10.12 1.35
C ASP B 288 2.10 11.11 1.61
N ILE B 289 1.86 12.38 1.30
CA ILE B 289 2.75 13.47 1.66
C ILE B 289 1.97 14.46 2.52
N SER B 290 2.71 15.38 3.14
CA SER B 290 2.08 16.38 4.00
C SER B 290 2.89 17.66 3.93
N ALA B 291 2.24 18.75 3.50
CA ALA B 291 2.89 20.04 3.38
C ALA B 291 2.39 20.99 4.47
N THR B 292 3.29 21.85 4.94
CA THR B 292 2.94 22.89 5.90
C THR B 292 3.78 24.11 5.60
N SER B 293 3.36 25.27 6.10
CA SER B 293 4.01 26.52 5.73
C SER B 293 3.85 27.55 6.83
N PHE B 294 4.74 28.54 6.83
CA PHE B 294 4.58 29.71 7.68
C PHE B 294 5.18 30.93 6.98
N THR B 295 4.79 32.12 7.47
CA THR B 295 5.26 33.38 6.92
C THR B 295 6.31 33.99 7.83
N ARG B 296 7.46 34.33 7.25
CA ARG B 296 8.50 35.01 8.00
C ARG B 296 8.16 36.49 8.19
N ASP B 297 8.92 37.15 9.06
CA ASP B 297 8.70 38.57 9.31
C ASP B 297 8.92 39.43 8.08
N ASP B 298 9.70 38.95 7.10
CA ASP B 298 9.88 39.70 5.85
C ASP B 298 8.75 39.48 4.86
N GLY B 299 7.72 38.70 5.21
CA GLY B 299 6.59 38.49 4.35
C GLY B 299 6.71 37.34 3.38
N THR B 300 7.83 36.61 3.42
CA THR B 300 8.00 35.45 2.54
C THR B 300 7.58 34.17 3.25
N VAL B 301 7.21 33.16 2.46
CA VAL B 301 6.59 31.94 2.96
C VAL B 301 7.55 30.76 2.85
N ASP B 302 7.86 30.14 3.98
CA ASP B 302 8.60 28.89 4.03
C ASP B 302 7.63 27.73 3.91
N VAL B 303 8.09 26.62 3.30
CA VAL B 303 7.31 25.39 3.17
C VAL B 303 8.15 24.22 3.68
N ARG B 304 7.49 23.26 4.33
CA ARG B 304 8.08 21.96 4.63
C ARG B 304 7.17 20.89 4.06
N ILE B 305 7.76 19.87 3.45
CA ILE B 305 7.01 18.71 2.99
C ILE B 305 7.59 17.47 3.64
N TYR B 306 6.70 16.62 4.18
CA TYR B 306 7.05 15.34 4.77
C TYR B 306 6.40 14.23 3.95
N GLY B 307 7.05 13.08 3.95
CA GLY B 307 6.51 11.93 3.26
C GLY B 307 7.51 10.80 3.35
N THR B 308 7.34 9.81 2.46
CA THR B 308 8.19 8.62 2.47
C THR B 308 9.18 8.70 1.31
N ALA B 309 10.47 8.62 1.64
CA ALA B 309 11.54 8.53 0.65
C ALA B 309 12.04 7.09 0.55
N GLN B 310 12.71 6.79 -0.56
CA GLN B 310 13.30 5.47 -0.70
C GLN B 310 14.32 5.24 0.39
N LEU B 311 14.38 4.02 0.95
CA LEU B 311 13.48 2.91 0.65
C LEU B 311 12.22 2.98 1.51
N ASN B 312 12.38 3.33 2.80
CA ASN B 312 11.24 3.68 3.64
C ASN B 312 11.73 4.56 4.77
N VAL B 313 11.87 5.85 4.49
CA VAL B 313 12.30 6.82 5.50
C VAL B 313 11.41 8.04 5.43
N LEU B 314 11.25 8.68 6.58
CA LEU B 314 10.47 9.92 6.67
C LEU B 314 11.35 11.08 6.22
N PHE B 315 11.02 11.68 5.08
CA PHE B 315 11.81 12.80 4.58
C PHE B 315 11.24 14.13 5.05
N GLU B 316 12.12 15.14 5.04
CA GLU B 316 11.73 16.54 5.17
C GLU B 316 12.38 17.33 4.06
N ARG B 317 11.57 17.91 3.19
CA ARG B 317 12.02 18.84 2.16
C ARG B 317 11.73 20.26 2.63
N ILE B 318 12.67 21.17 2.36
CA ILE B 318 12.64 22.52 2.93
C ILE B 318 12.65 23.55 1.82
N PHE B 319 11.65 24.41 1.80
CA PHE B 319 11.63 25.62 0.97
C PHE B 319 11.84 26.78 1.91
N ARG B 320 12.96 27.49 1.75
CA ARG B 320 13.35 28.50 2.71
C ARG B 320 14.07 29.60 1.94
N TYR B 321 13.66 30.85 2.18
CA TYR B 321 14.25 31.99 1.49
CA TYR B 321 14.20 32.01 1.48
C TYR B 321 14.15 31.84 -0.04
N GLY B 322 13.03 31.30 -0.52
CA GLY B 322 12.76 31.25 -1.94
C GLY B 322 13.39 30.13 -2.72
N VAL B 323 14.03 29.16 -2.06
CA VAL B 323 14.64 28.04 -2.77
C VAL B 323 14.35 26.73 -2.05
N TRP B 324 14.26 25.65 -2.83
CA TRP B 324 14.22 24.31 -2.26
C TRP B 324 15.64 23.89 -1.94
N GLU B 325 15.90 23.60 -0.67
CA GLU B 325 17.26 23.30 -0.25
C GLU B 325 17.68 21.92 -0.75
N GLU B 326 18.93 21.83 -1.18
CA GLU B 326 19.43 20.58 -1.76
C GLU B 326 19.51 19.47 -0.73
N LYS B 327 19.80 19.81 0.52
CA LYS B 327 19.81 18.82 1.60
C LYS B 327 18.38 18.45 1.95
N ILE B 328 18.01 17.21 1.66
CA ILE B 328 16.74 16.63 2.08
C ILE B 328 17.02 15.78 3.31
N HIS B 329 16.30 16.04 4.38
CA HIS B 329 16.58 15.37 5.64
C HIS B 329 15.76 14.09 5.76
N SER B 330 16.23 13.21 6.66
CA SER B 330 15.48 12.04 7.08
CA SER B 330 15.49 12.03 7.09
C SER B 330 15.32 12.11 8.59
N ILE B 331 14.16 11.68 9.08
CA ILE B 331 13.83 11.71 10.49
C ILE B 331 13.66 10.26 10.94
N SER B 332 14.58 9.77 11.77
CA SER B 332 14.52 8.38 12.20
C SER B 332 13.37 8.15 13.18
N VAL B 333 12.64 7.06 12.97
CA VAL B 333 11.48 6.75 13.80
C VAL B 333 11.59 5.34 14.38
N GLY B 334 12.76 4.74 14.26
CA GLY B 334 12.99 3.40 14.80
C GLY B 334 14.16 2.74 14.11
N LYS B 335 14.17 1.41 14.20
CA LYS B 335 15.27 0.62 13.66
C LYS B 335 15.34 0.71 12.15
N GLU B 336 16.57 0.65 11.64
CA GLU B 336 16.83 0.88 10.23
C GLU B 336 17.90 -0.09 9.73
N ILE B 337 17.81 -0.43 8.45
CA ILE B 337 18.90 -1.18 7.83
CA ILE B 337 18.80 -1.26 7.76
C ILE B 337 19.28 -0.50 6.53
N PRO B 338 20.57 -0.44 6.24
CA PRO B 338 21.04 0.10 4.97
C PRO B 338 21.06 -1.00 3.93
N ILE B 339 20.63 -0.68 2.71
CA ILE B 339 20.56 -1.65 1.62
C ILE B 339 21.16 -1.03 0.38
N GLU B 340 22.00 -1.79 -0.32
CA GLU B 340 22.53 -1.33 -1.61
C GLU B 340 21.42 -1.31 -2.65
N VAL B 341 21.45 -0.28 -3.49
CA VAL B 341 20.48 -0.09 -4.56
C VAL B 341 21.24 -0.02 -5.88
N VAL B 342 20.74 -0.70 -6.90
CA VAL B 342 21.33 -0.66 -8.23
CA VAL B 342 21.33 -0.68 -8.23
C VAL B 342 20.26 -0.26 -9.24
N GLY B 343 20.62 0.67 -10.13
CA GLY B 343 19.70 1.07 -11.18
C GLY B 343 19.75 0.06 -12.32
N VAL B 344 18.58 -0.38 -12.76
CA VAL B 344 18.49 -1.35 -13.84
CA VAL B 344 18.44 -1.38 -13.81
C VAL B 344 17.51 -0.85 -14.89
N ALA B 345 17.85 -1.12 -16.16
CA ALA B 345 17.09 -0.66 -17.30
C ALA B 345 16.04 -1.70 -17.71
#